data_7C80
#
_entry.id   7C80
#
loop_
_entity.id
_entity.type
_entity.pdbx_description
1 polymer 'Light chain'
2 polymer 'Heavy chain'
3 polymer VP1
4 polymer VP2
5 polymer VP3
6 polymer VP4
7 non-polymer SPHINGOSINE
#
loop_
_entity_poly.entity_id
_entity_poly.type
_entity_poly.pdbx_seq_one_letter_code
_entity_poly.pdbx_strand_id
1 'polypeptide(L)'
;DIELTQSPATLSVTPGDSVSLSCRASQSISNSLHWYQQRSHESPRRLIKTASAEKAKSISGIPSRFSVSRGNTSFTLSIN
SVETEDFGMYFCQQAYAGSKLQPHTGAGTKLEIKRADAAPTVSIFPPSSEQLTSGGASVVCFLNNFYPKDINVKWKIDGS
ERQNGVLNSWTDQDSKDSTYSMSSTLTLTKDEYERHNSYTCEATHKTSTSPIVKSFNRNEC
;
L
2 'polypeptide(L)'
;QVQLQQSGGGLVKPGGSLKLSCAASGFTFSSYWMHWVQTPEKRLEWVATISSGGGDTYYGDSVKGPATISRDNAKNTLYL
QMSSLKSEDTAMYACTGAGGSTYYFDYWGQGTTVTVSSPAAASTAASMVTLGCLVKGYFPEPVTVTWNSGSLSSGVHTFP
AVLQSDLYTLSSSVTVPSSTWPSETVTCNVAHPASSTKVDKKIVPR
;
H
3 'polypeptide(L)'
;NDPESALNRAVGRVADTVASGPVNTEQIPALTAVETGHTSQVVPSDTMQTRHVINYHTRSESSIENFMGRAACVYIAQYA
TEKVNDELDRYTNWEITTRQVAQLRRKLEMFTYMRFDLEITFVITSSQRTSTTYASDSPPLTHQVMYVPPGGPIPKSYED
FAWQTSTNPSVFWTEGNAPPRMSIPFMSVGNAYCNFYDGWSHFSQSGVYGYTTLNNMGHLYFRHVNKSTAYPVNSVARVY
FKPKHVKAWVPRAPRLCPYLKARNVNFNVQGVTESRNKITLDRSTHNPLANT
;
A
4 'polypeptide(L)'
;SPTVEECGYSDRVRSITLGNSTITTQECANVVVGYGVWPTYLSDHEATAVDQPTQPDVATCRFYTLESVKWESSSAGWWW
KFPEALSDMGLFGQNMQYHYLGRTGYTIHVQCNASKFHQGCLLVVCVPEAEMGAATTDHAFNHTKLSNIGQAMEFSAKKS
TDQTGPQTAVHNAGMGVAVGNLTIFPHQWINLRTNNSATIVMPYINSVPMDNMYRHYNFTLMVIPFAKLEHSPQASTYVP
ITVTVAPMCAEYNGLRLAGHQ
;
B
5 'polypeptide(L)'
;GLPTMNTPGSTQFLTSDDFQSPSAMPQFDVTPEIQIPGQVRNLMEIAEVDSVVPVNNTEGHVNSMEAYRIPVRPQTSSGE
QVFGFQLQPGHDSVLKHTLLGEILNYYANWSGSMKLTFMYCGAAMATGKFLIAYSPPGAGVPGSRRDAMLGTHVIWDVGL
QSSCVLCVPWISQTNYRYVTSDAYTDAGYITCWYQTSIVTPPDIPTTSTILCFVSACNDFSVRLLRDTPFITQQALFQ
;
C
6 'polypeptide(L)' (MYR)GAQVSTQKTGAHETGLNASGNSIIHYTNINYYKDSASNSLNRQDFTQDPSKFTEPVKDVMIKTLPALN D
#
# COMPACT_ATOMS: atom_id res chain seq x y z
N ASP A 1 12.94 -3.11 -17.99
CA ASP A 1 11.66 -3.61 -17.51
C ASP A 1 11.81 -5.02 -16.92
N ILE A 2 11.98 -5.14 -15.60
CA ILE A 2 12.11 -4.01 -14.68
C ILE A 2 13.58 -3.70 -14.48
N GLU A 3 14.05 -2.63 -15.12
CA GLU A 3 15.46 -2.32 -15.16
C GLU A 3 15.93 -1.70 -13.85
N LEU A 4 16.91 -2.34 -13.21
CA LEU A 4 17.60 -1.79 -12.06
C LEU A 4 19.07 -1.67 -12.39
N THR A 5 19.59 -0.44 -12.42
CA THR A 5 21.00 -0.19 -12.67
C THR A 5 21.81 -0.09 -11.37
N GLN A 6 21.36 -0.78 -10.32
CA GLN A 6 22.11 -0.92 -9.08
C GLN A 6 23.47 -1.57 -9.34
N SER A 7 24.51 -1.19 -8.58
CA SER A 7 24.47 -0.26 -7.44
C SER A 7 25.70 0.62 -7.35
N PRO A 8 25.76 1.69 -8.15
CA PRO A 8 26.95 2.56 -8.13
C PRO A 8 26.93 3.48 -6.92
N ALA A 9 28.11 3.79 -6.36
CA ALA A 9 29.43 3.29 -6.76
C ALA A 9 30.28 3.07 -5.52
N THR A 10 31.02 1.96 -5.45
CA THR A 10 31.90 1.66 -4.32
C THR A 10 33.22 1.06 -4.80
N LEU A 11 34.26 1.90 -4.86
CA LEU A 11 35.65 1.45 -4.88
C LEU A 11 36.59 2.61 -4.57
N SER A 12 37.38 2.54 -3.50
CA SER A 12 37.19 1.58 -2.41
C SER A 12 37.09 2.39 -1.12
N VAL A 13 36.67 1.77 -0.03
CA VAL A 13 36.39 2.48 1.21
C VAL A 13 37.50 2.21 2.22
N THR A 14 37.67 3.12 3.16
CA THR A 14 38.57 3.00 4.29
C THR A 14 37.76 2.45 5.47
N PRO A 15 38.34 1.61 6.33
CA PRO A 15 37.66 1.23 7.57
C PRO A 15 37.39 2.43 8.45
N GLY A 16 36.11 2.75 8.65
CA GLY A 16 35.69 3.88 9.43
C GLY A 16 35.22 5.07 8.61
N ASP A 17 35.37 5.04 7.29
CA ASP A 17 34.92 6.16 6.47
C ASP A 17 33.65 5.81 5.71
N SER A 18 33.14 6.79 4.97
CA SER A 18 31.78 6.70 4.44
C SER A 18 31.76 6.38 2.95
N VAL A 19 30.64 5.82 2.51
CA VAL A 19 30.30 5.68 1.10
C VAL A 19 28.79 5.67 0.99
N SER A 20 28.29 6.07 -0.18
CA SER A 20 26.86 6.19 -0.42
C SER A 20 26.46 5.35 -1.62
N LEU A 21 25.85 4.20 -1.37
CA LEU A 21 25.28 3.35 -2.41
C LEU A 21 24.01 4.00 -2.95
N SER A 22 23.56 3.54 -4.11
CA SER A 22 22.32 4.00 -4.71
C SER A 22 21.73 2.89 -5.57
N CYS A 23 20.44 3.00 -5.88
CA CYS A 23 19.75 2.06 -6.73
C CYS A 23 18.61 2.78 -7.42
N ARG A 24 18.36 2.45 -8.69
CA ARG A 24 17.34 3.10 -9.49
C ARG A 24 16.35 2.06 -9.99
N ALA A 25 15.09 2.48 -10.15
CA ALA A 25 14.03 1.60 -10.63
C ALA A 25 13.24 2.32 -11.72
N SER A 26 12.58 1.52 -12.57
CA SER A 26 11.86 2.07 -13.72
C SER A 26 10.56 1.31 -14.00
N GLN A 27 9.91 0.77 -12.96
CA GLN A 27 8.69 0.03 -13.24
C GLN A 27 7.43 0.61 -12.59
N SER A 28 7.36 0.68 -11.27
CA SER A 28 6.18 1.20 -10.58
C SER A 28 6.58 1.84 -9.26
N ILE A 29 7.58 2.72 -9.29
CA ILE A 29 8.62 2.98 -8.27
C ILE A 29 8.13 3.02 -6.82
N SER A 30 6.88 3.41 -6.59
CA SER A 30 6.30 3.33 -5.26
C SER A 30 6.01 1.88 -4.86
N ASN A 31 7.06 1.14 -4.52
CA ASN A 31 7.03 -0.25 -4.08
C ASN A 31 7.62 -0.32 -2.68
N SER A 32 7.84 -1.54 -2.18
CA SER A 32 8.53 -1.74 -0.90
C SER A 32 9.97 -2.15 -1.18
N LEU A 33 10.81 -1.15 -1.44
CA LEU A 33 12.19 -1.40 -1.79
C LEU A 33 13.05 -1.58 -0.55
N HIS A 34 14.14 -2.34 -0.70
CA HIS A 34 15.06 -2.62 0.39
C HIS A 34 16.41 -3.00 -0.20
N TRP A 35 17.35 -3.39 0.66
CA TRP A 35 18.68 -3.83 0.24
C TRP A 35 18.95 -5.21 0.77
N TYR A 36 20.02 -5.83 0.24
CA TYR A 36 20.40 -7.18 0.61
C TYR A 36 21.87 -7.37 0.27
N GLN A 37 22.72 -7.42 1.28
CA GLN A 37 24.15 -7.61 1.09
C GLN A 37 24.42 -9.11 1.04
N GLN A 38 25.61 -9.49 0.59
CA GLN A 38 25.96 -10.89 0.39
C GLN A 38 27.47 -11.06 0.44
N ARG A 39 27.91 -12.16 1.03
CA ARG A 39 29.31 -12.56 1.06
C ARG A 39 29.35 -14.06 0.78
N SER A 40 30.44 -14.52 0.16
CA SER A 40 30.50 -15.89 -0.37
C SER A 40 30.74 -16.92 0.73
N HIS A 41 29.81 -16.93 1.69
CA HIS A 41 29.70 -17.99 2.68
C HIS A 41 28.24 -18.39 2.79
N GLU A 42 27.34 -17.45 2.49
CA GLU A 42 25.89 -17.61 2.55
C GLU A 42 25.44 -18.06 3.94
N SER A 43 25.60 -17.22 4.99
CA SER A 43 25.64 -15.72 5.13
C SER A 43 24.60 -14.93 4.32
N PRO A 44 23.34 -14.94 4.76
CA PRO A 44 22.35 -14.03 4.15
C PRO A 44 22.63 -12.55 4.39
N ARG A 45 22.65 -12.13 5.65
CA ARG A 45 22.93 -10.76 6.10
C ARG A 45 22.01 -9.73 5.43
N ARG A 46 20.73 -9.80 5.77
CA ARG A 46 19.82 -8.70 5.45
C ARG A 46 20.22 -7.47 6.26
N LEU A 47 19.96 -6.28 5.72
CA LEU A 47 20.43 -5.07 6.39
C LEU A 47 19.40 -3.94 6.53
N ILE A 48 18.43 -3.80 5.63
CA ILE A 48 17.58 -2.61 5.64
C ILE A 48 16.24 -2.93 4.98
N LYS A 49 15.24 -2.09 5.25
CA LYS A 49 13.93 -2.14 4.60
C LYS A 49 13.25 -0.80 4.80
N THR A 50 12.59 -0.28 3.77
CA THR A 50 11.85 0.98 3.89
C THR A 50 10.58 0.90 3.06
N ALA A 51 9.48 1.42 3.62
CA ALA A 51 8.20 1.50 2.95
C ALA A 51 7.31 2.49 3.72
N SER A 52 6.87 3.56 3.06
CA SER A 52 7.26 3.90 1.69
C SER A 52 8.19 5.12 1.69
N ALA A 53 8.01 6.00 2.66
CA ALA A 53 8.93 7.10 2.88
C ALA A 53 9.54 6.98 4.27
N GLU A 54 8.67 6.77 5.26
CA GLU A 54 9.12 6.54 6.63
C GLU A 54 9.27 5.03 6.83
N LYS A 55 9.30 4.61 8.10
CA LYS A 55 9.35 3.22 8.56
C LYS A 55 10.59 2.50 8.06
N ALA A 56 11.77 3.08 8.31
CA ALA A 56 13.01 2.35 8.05
C ALA A 56 13.22 1.29 9.11
N LYS A 57 13.53 0.07 8.67
CA LYS A 57 13.68 -1.08 9.57
C LYS A 57 15.08 -1.65 9.45
N SER A 58 16.01 -1.09 10.21
CA SER A 58 17.36 -1.65 10.29
C SER A 58 17.33 -2.94 11.10
N ILE A 59 18.29 -3.82 10.83
CA ILE A 59 18.35 -5.08 11.54
C ILE A 59 19.01 -4.88 12.90
N SER A 60 18.93 -5.89 13.77
CA SER A 60 19.52 -5.80 15.09
C SER A 60 21.04 -5.84 15.06
N GLY A 61 21.64 -6.43 14.02
CA GLY A 61 23.08 -6.49 13.94
C GLY A 61 23.71 -5.15 13.64
N ILE A 62 23.13 -4.40 12.70
CA ILE A 62 23.59 -3.05 12.39
C ILE A 62 22.40 -2.10 12.51
N PRO A 63 22.07 -1.63 13.72
CA PRO A 63 20.86 -0.81 13.87
C PRO A 63 21.12 0.70 13.85
N SER A 64 22.38 1.12 13.80
CA SER A 64 22.67 2.55 13.92
C SER A 64 23.79 3.00 13.01
N ARG A 65 23.94 2.37 11.84
CA ARG A 65 24.99 2.78 10.90
C ARG A 65 24.52 2.94 9.46
N PHE A 66 23.30 2.51 9.12
CA PHE A 66 22.76 2.66 7.78
C PHE A 66 21.66 3.71 7.77
N SER A 67 21.30 4.15 6.57
CA SER A 67 20.23 5.12 6.38
C SER A 67 19.74 5.04 4.95
N VAL A 68 18.44 4.81 4.77
CA VAL A 68 17.82 4.78 3.46
C VAL A 68 16.78 5.89 3.36
N SER A 69 16.57 6.38 2.15
CA SER A 69 15.61 7.44 1.91
C SER A 69 15.23 7.44 0.44
N ARG A 70 14.05 7.99 0.15
CA ARG A 70 13.51 8.09 -1.20
C ARG A 70 12.38 9.11 -1.18
N GLY A 71 12.19 9.84 -2.29
CA GLY A 71 12.96 9.75 -3.53
C GLY A 71 13.16 11.06 -4.27
N ASN A 72 12.80 11.09 -5.55
CA ASN A 72 12.11 9.99 -6.22
C ASN A 72 12.86 9.47 -7.44
N THR A 73 12.39 8.29 -7.90
CA THR A 73 12.79 7.33 -8.95
C THR A 73 14.09 6.61 -8.60
N SER A 74 14.77 6.99 -7.52
CA SER A 74 15.97 6.28 -7.07
C SER A 74 16.00 6.36 -5.54
N PHE A 75 16.78 5.48 -4.94
CA PHE A 75 16.92 5.49 -3.49
C PHE A 75 18.28 4.99 -3.10
N THR A 76 18.81 5.53 -2.00
CA THR A 76 20.21 5.41 -1.62
C THR A 76 20.36 4.62 -0.33
N LEU A 77 21.62 4.41 0.07
CA LEU A 77 21.97 3.79 1.34
C LEU A 77 23.35 4.32 1.77
N SER A 78 23.36 5.16 2.79
CA SER A 78 24.61 5.71 3.30
C SER A 78 25.13 4.86 4.46
N ILE A 79 26.44 4.65 4.50
CA ILE A 79 27.08 3.80 5.49
C ILE A 79 28.05 4.63 6.32
N ASN A 80 27.76 4.76 7.61
CA ASN A 80 28.65 5.38 8.59
C ASN A 80 28.61 4.56 9.87
N SER A 81 29.61 3.71 10.11
CA SER A 81 30.81 3.55 9.28
C SER A 81 31.13 2.08 9.01
N VAL A 82 31.89 1.84 7.93
CA VAL A 82 32.21 0.48 7.52
C VAL A 82 33.25 -0.10 8.48
N GLU A 83 33.19 -1.41 8.71
CA GLU A 83 34.23 -2.08 9.48
C GLU A 83 34.40 -3.53 8.97
N THR A 84 35.65 -3.93 8.84
CA THR A 84 36.01 -5.30 8.49
C THR A 84 35.83 -6.20 9.72
N GLU A 85 35.07 -7.29 9.58
CA GLU A 85 34.57 -7.85 8.31
C GLU A 85 33.24 -7.30 7.83
N ASP A 86 33.14 -7.13 6.53
CA ASP A 86 31.95 -6.60 5.89
C ASP A 86 31.82 -7.19 4.49
N PHE A 87 30.58 -7.20 4.02
CA PHE A 87 30.28 -7.57 2.64
C PHE A 87 30.92 -6.55 1.69
N GLY A 88 31.33 -7.00 0.50
CA GLY A 88 31.02 -8.29 -0.11
C GLY A 88 30.36 -8.00 -1.45
N MET A 89 29.06 -8.24 -1.54
CA MET A 89 28.28 -7.87 -2.72
C MET A 89 26.88 -7.44 -2.28
N TYR A 90 26.49 -6.23 -2.65
CA TYR A 90 25.25 -5.63 -2.19
C TYR A 90 24.22 -5.65 -3.32
N PHE A 91 23.02 -6.14 -3.03
CA PHE A 91 21.95 -6.22 -4.01
C PHE A 91 20.80 -5.31 -3.61
N CYS A 92 20.22 -4.67 -4.62
CA CYS A 92 19.03 -3.85 -4.44
C CYS A 92 17.78 -4.63 -4.86
N GLN A 93 16.94 -4.95 -3.89
CA GLN A 93 15.78 -5.79 -4.13
C GLN A 93 14.51 -4.99 -3.84
N GLN A 94 13.39 -5.50 -4.32
CA GLN A 94 12.11 -4.81 -4.26
C GLN A 94 11.01 -5.77 -3.84
N ALA A 95 9.76 -5.32 -3.99
CA ALA A 95 8.56 -6.12 -3.73
C ALA A 95 7.37 -5.39 -4.31
N TYR A 96 6.17 -5.88 -4.00
CA TYR A 96 5.00 -5.03 -4.14
C TYR A 96 4.75 -4.33 -2.80
N ALA A 97 3.57 -3.73 -2.64
CA ALA A 97 3.42 -2.70 -1.62
C ALA A 97 3.12 -3.26 -0.23
N GLY A 98 3.01 -4.58 -0.10
CA GLY A 98 2.87 -5.14 1.23
C GLY A 98 4.17 -4.99 1.99
N SER A 99 5.26 -5.70 1.66
CA SER A 99 5.40 -7.06 1.11
C SER A 99 6.82 -7.45 1.45
N LYS A 100 7.02 -8.41 2.35
CA LYS A 100 8.38 -8.82 2.66
C LYS A 100 8.69 -10.14 1.93
N LEU A 101 8.64 -10.05 0.60
CA LEU A 101 8.86 -11.19 -0.28
C LEU A 101 10.22 -11.19 -0.94
N GLN A 102 10.82 -10.02 -1.11
CA GLN A 102 12.05 -9.82 -1.89
C GLN A 102 12.11 -10.45 -3.29
N PRO A 103 11.23 -10.02 -4.24
CA PRO A 103 11.56 -10.24 -5.66
C PRO A 103 12.32 -9.06 -6.25
N HIS A 104 12.55 -9.10 -7.56
CA HIS A 104 13.11 -7.98 -8.34
C HIS A 104 14.50 -7.60 -7.86
N THR A 105 15.39 -8.59 -7.85
CA THR A 105 16.76 -8.41 -7.37
C THR A 105 17.64 -8.07 -8.56
N GLY A 106 18.24 -6.87 -8.53
CA GLY A 106 19.12 -6.43 -9.59
C GLY A 106 20.58 -6.70 -9.29
N ALA A 107 21.44 -6.27 -10.21
CA ALA A 107 22.87 -6.49 -10.10
C ALA A 107 23.45 -5.58 -9.01
N GLY A 108 24.70 -5.81 -8.65
CA GLY A 108 25.29 -5.02 -7.58
C GLY A 108 26.80 -5.00 -7.64
N THR A 109 27.37 -4.17 -6.77
CA THR A 109 28.81 -3.94 -6.72
C THR A 109 29.38 -4.43 -5.39
N LYS A 110 30.67 -4.13 -5.17
CA LYS A 110 31.45 -4.70 -4.07
C LYS A 110 32.14 -3.58 -3.31
N LEU A 111 32.59 -3.89 -2.10
CA LEU A 111 33.42 -3.00 -1.30
C LEU A 111 34.14 -3.80 -0.22
N GLU A 112 35.42 -3.46 0.01
CA GLU A 112 36.28 -4.20 0.94
C GLU A 112 37.11 -3.27 1.82
N ILE A 113 38.14 -3.83 2.46
CA ILE A 113 39.07 -3.11 3.32
C ILE A 113 39.98 -2.23 2.47
N LYS A 114 40.69 -1.30 3.10
CA LYS A 114 41.63 -0.41 2.43
C LYS A 114 43.06 -0.86 2.67
N ARG A 115 43.82 -1.01 1.59
CA ARG A 115 45.24 -1.27 1.65
C ARG A 115 45.96 -0.27 0.75
N ALA A 116 47.29 -0.33 0.78
CA ALA A 116 48.09 0.29 -0.26
C ALA A 116 48.14 -0.63 -1.48
N ASP A 117 48.31 -0.03 -2.65
CA ASP A 117 48.40 -0.83 -3.86
C ASP A 117 49.75 -1.51 -3.95
N ALA A 118 49.73 -2.81 -4.28
CA ALA A 118 50.95 -3.60 -4.31
C ALA A 118 50.96 -4.48 -5.55
N ALA A 119 52.14 -4.64 -6.13
CA ALA A 119 52.32 -5.40 -7.37
C ALA A 119 52.29 -6.89 -7.08
N PRO A 120 51.77 -7.70 -8.00
CA PRO A 120 51.81 -9.16 -7.81
C PRO A 120 53.19 -9.72 -8.03
N THR A 121 53.59 -10.61 -7.12
CA THR A 121 54.89 -11.26 -7.16
C THR A 121 54.70 -12.73 -7.47
N VAL A 122 55.19 -13.16 -8.63
CA VAL A 122 55.06 -14.55 -9.08
C VAL A 122 56.40 -15.25 -8.90
N SER A 123 56.35 -16.54 -8.60
CA SER A 123 57.53 -17.38 -8.45
C SER A 123 57.22 -18.77 -8.98
N ILE A 124 58.21 -19.39 -9.62
CA ILE A 124 58.02 -20.69 -10.26
C ILE A 124 59.06 -21.67 -9.69
N PHE A 125 58.68 -22.94 -9.61
CA PHE A 125 59.39 -23.97 -8.86
C PHE A 125 59.51 -25.25 -9.69
N PRO A 126 60.54 -26.07 -9.45
CA PRO A 126 60.68 -27.32 -10.21
C PRO A 126 59.61 -28.33 -9.84
N PRO A 127 59.09 -29.07 -10.82
CA PRO A 127 58.04 -30.05 -10.53
C PRO A 127 58.58 -31.34 -9.93
N SER A 128 57.70 -32.31 -9.73
CA SER A 128 58.03 -33.62 -9.22
C SER A 128 57.88 -34.66 -10.32
N SER A 129 58.01 -35.94 -9.95
CA SER A 129 57.86 -37.05 -10.89
C SER A 129 56.46 -37.67 -10.83
N GLU A 130 55.44 -36.87 -10.52
CA GLU A 130 54.07 -37.35 -10.49
C GLU A 130 53.29 -37.06 -11.76
N GLN A 131 53.77 -36.14 -12.60
CA GLN A 131 53.14 -35.82 -13.87
C GLN A 131 53.88 -36.39 -15.06
N LEU A 132 55.02 -37.07 -14.84
CA LEU A 132 55.86 -37.53 -15.93
C LEU A 132 55.21 -38.69 -16.69
N THR A 133 54.81 -39.74 -15.95
CA THR A 133 54.30 -40.94 -16.59
C THR A 133 52.88 -40.77 -17.14
N SER A 134 52.14 -39.77 -16.69
CA SER A 134 50.76 -39.57 -17.12
C SER A 134 50.64 -38.88 -18.47
N GLY A 135 51.74 -38.44 -19.06
CA GLY A 135 51.71 -37.76 -20.34
C GLY A 135 51.43 -36.27 -20.29
N GLY A 136 51.11 -35.73 -19.12
CA GLY A 136 50.84 -34.32 -18.96
C GLY A 136 52.01 -33.56 -18.33
N ALA A 137 51.73 -32.28 -18.06
CA ALA A 137 52.72 -31.41 -17.45
C ALA A 137 51.99 -30.30 -16.71
N SER A 138 52.03 -30.34 -15.38
CA SER A 138 51.35 -29.36 -14.53
C SER A 138 52.42 -28.46 -13.91
N VAL A 139 52.74 -27.37 -14.61
CA VAL A 139 53.75 -26.45 -14.12
C VAL A 139 53.12 -25.51 -13.09
N VAL A 140 53.82 -25.31 -11.98
CA VAL A 140 53.26 -24.70 -10.79
C VAL A 140 53.84 -23.31 -10.62
N CYS A 141 52.96 -22.32 -10.43
CA CYS A 141 53.34 -20.95 -10.14
C CYS A 141 52.28 -20.32 -9.24
N PHE A 142 52.69 -19.91 -8.04
CA PHE A 142 51.75 -19.33 -7.08
C PHE A 142 52.15 -17.87 -6.87
N LEU A 143 51.22 -16.96 -7.21
CA LEU A 143 51.47 -15.54 -7.01
C LEU A 143 51.29 -15.17 -5.55
N ASN A 144 51.61 -13.92 -5.21
CA ASN A 144 51.57 -13.49 -3.82
C ASN A 144 51.51 -11.97 -3.71
N ASN A 145 50.68 -11.51 -2.76
CA ASN A 145 50.72 -10.16 -2.19
C ASN A 145 50.47 -9.07 -3.25
N PHE A 146 49.23 -9.07 -3.76
CA PHE A 146 48.76 -7.99 -4.62
C PHE A 146 47.42 -7.47 -4.11
N TYR A 147 47.13 -6.20 -4.48
CA TYR A 147 45.86 -5.52 -4.27
C TYR A 147 45.84 -4.25 -5.10
N PRO A 148 44.74 -3.95 -5.82
CA PRO A 148 43.52 -4.71 -6.07
C PRO A 148 43.63 -5.61 -7.30
N LYS A 149 42.49 -5.97 -7.88
CA LYS A 149 42.43 -6.89 -9.02
C LYS A 149 42.64 -6.20 -10.37
N ASP A 150 43.26 -5.02 -10.41
CA ASP A 150 43.53 -4.31 -11.67
C ASP A 150 44.94 -4.70 -12.13
N ILE A 151 45.12 -6.00 -12.38
CA ILE A 151 46.42 -6.54 -12.77
C ILE A 151 46.26 -7.36 -14.05
N ASN A 152 47.35 -7.99 -14.48
CA ASN A 152 47.33 -8.89 -15.62
C ASN A 152 48.32 -10.02 -15.37
N VAL A 153 48.01 -11.19 -15.93
CA VAL A 153 48.83 -12.38 -15.77
C VAL A 153 48.96 -13.05 -17.15
N LYS A 154 50.13 -13.66 -17.39
CA LYS A 154 50.43 -14.27 -18.68
C LYS A 154 51.31 -15.49 -18.46
N TRP A 155 51.39 -16.33 -19.49
CA TRP A 155 52.19 -17.57 -19.46
C TRP A 155 53.10 -17.56 -20.68
N LYS A 156 54.27 -16.94 -20.55
CA LYS A 156 55.26 -16.90 -21.62
C LYS A 156 56.31 -17.97 -21.36
N ILE A 157 56.20 -19.08 -22.08
CA ILE A 157 57.08 -20.23 -21.89
C ILE A 157 58.23 -20.11 -22.88
N ASP A 158 59.32 -19.48 -22.44
CA ASP A 158 60.57 -19.30 -23.21
C ASP A 158 60.34 -18.62 -24.55
N GLY A 159 59.41 -17.66 -24.57
CA GLY A 159 59.04 -17.00 -25.79
C GLY A 159 57.84 -17.59 -26.50
N SER A 160 57.20 -18.60 -25.91
CA SER A 160 56.01 -19.21 -26.49
C SER A 160 54.86 -19.07 -25.51
N GLU A 161 53.84 -18.32 -25.89
CA GLU A 161 52.68 -18.07 -25.05
C GLU A 161 51.71 -19.23 -25.19
N ARG A 162 51.06 -19.60 -24.08
CA ARG A 162 50.11 -20.70 -24.04
C ARG A 162 48.77 -20.23 -23.50
N GLN A 163 47.74 -20.32 -24.32
CA GLN A 163 46.37 -20.08 -23.88
C GLN A 163 45.52 -21.34 -23.83
N ASN A 164 46.10 -22.51 -24.11
CA ASN A 164 45.35 -23.76 -24.22
C ASN A 164 45.39 -24.50 -22.89
N GLY A 165 44.23 -24.67 -22.26
CA GLY A 165 44.13 -25.42 -21.04
C GLY A 165 44.65 -24.73 -19.80
N VAL A 166 44.80 -23.40 -19.83
CA VAL A 166 45.35 -22.69 -18.67
C VAL A 166 44.26 -22.54 -17.62
N LEU A 167 44.68 -22.22 -16.39
CA LEU A 167 43.77 -22.10 -15.26
C LEU A 167 44.03 -20.79 -14.52
N ASN A 168 42.95 -20.12 -14.13
CA ASN A 168 43.01 -18.82 -13.46
C ASN A 168 42.09 -18.84 -12.24
N SER A 169 42.58 -18.30 -11.12
CA SER A 169 41.84 -18.25 -9.88
C SER A 169 42.19 -16.98 -9.12
N TRP A 170 41.26 -16.55 -8.27
CA TRP A 170 41.45 -15.38 -7.39
C TRP A 170 40.92 -15.76 -6.01
N THR A 171 41.78 -15.69 -4.99
CA THR A 171 41.35 -15.97 -3.64
C THR A 171 40.71 -14.73 -3.00
N ASP A 172 40.12 -14.94 -1.83
CA ASP A 172 39.59 -13.84 -1.03
C ASP A 172 40.66 -13.41 -0.02
N GLN A 173 40.27 -12.56 0.92
CA GLN A 173 41.24 -11.93 1.81
C GLN A 173 41.71 -12.89 2.90
N ASP A 174 43.01 -13.15 2.94
CA ASP A 174 43.61 -13.97 3.97
C ASP A 174 43.82 -13.13 5.23
N SER A 175 43.73 -13.78 6.39
CA SER A 175 43.64 -13.08 7.68
C SER A 175 44.94 -13.14 8.48
N LYS A 176 46.11 -13.02 7.86
CA LYS A 176 47.32 -12.87 8.65
C LYS A 176 47.96 -11.51 8.41
N ASP A 177 47.94 -11.04 7.16
CA ASP A 177 48.47 -9.73 6.81
C ASP A 177 47.65 -9.03 5.73
N SER A 178 46.43 -9.52 5.44
CA SER A 178 45.52 -9.00 4.42
C SER A 178 46.16 -9.05 3.02
N THR A 179 46.40 -10.28 2.57
CA THR A 179 47.01 -10.51 1.27
C THR A 179 46.02 -11.15 0.29
N TYR A 180 46.36 -11.06 -0.99
CA TYR A 180 45.66 -11.75 -2.06
C TYR A 180 46.68 -12.48 -2.93
N SER A 181 46.21 -13.49 -3.66
CA SER A 181 47.10 -14.33 -4.45
C SER A 181 46.31 -15.06 -5.53
N MET A 182 47.01 -15.46 -6.59
CA MET A 182 46.43 -16.27 -7.65
C MET A 182 47.17 -17.60 -7.77
N SER A 183 46.66 -18.45 -8.66
CA SER A 183 47.24 -19.76 -8.90
C SER A 183 47.45 -19.97 -10.39
N SER A 184 48.17 -21.04 -10.73
CA SER A 184 48.41 -21.43 -12.11
C SER A 184 48.44 -22.95 -12.20
N THR A 185 47.70 -23.49 -13.17
CA THR A 185 47.71 -24.92 -13.46
C THR A 185 47.74 -25.09 -14.98
N LEU A 186 48.77 -25.75 -15.48
CA LEU A 186 48.97 -25.95 -16.92
C LEU A 186 48.68 -27.39 -17.27
N THR A 187 48.25 -27.61 -18.52
CA THR A 187 47.95 -28.94 -19.05
C THR A 187 48.63 -29.06 -20.41
N LEU A 188 49.86 -29.54 -20.41
CA LEU A 188 50.61 -29.73 -21.64
C LEU A 188 50.64 -31.22 -22.02
N THR A 189 51.25 -31.51 -23.15
CA THR A 189 51.48 -32.87 -23.60
C THR A 189 52.90 -33.29 -23.20
N LYS A 190 53.35 -34.44 -23.70
CA LYS A 190 54.70 -34.91 -23.39
C LYS A 190 55.75 -34.26 -24.28
N ASP A 191 55.48 -34.20 -25.59
CA ASP A 191 56.44 -33.67 -26.54
C ASP A 191 56.60 -32.15 -26.47
N GLU A 192 55.71 -31.46 -25.76
CA GLU A 192 55.81 -30.00 -25.64
C GLU A 192 56.45 -29.55 -24.34
N TYR A 193 56.62 -30.43 -23.36
CA TYR A 193 57.18 -30.03 -22.08
C TYR A 193 58.70 -29.84 -22.16
N GLU A 194 59.41 -30.86 -22.63
CA GLU A 194 60.87 -30.83 -22.70
C GLU A 194 61.39 -30.08 -23.92
N ARG A 195 60.52 -29.44 -24.70
CA ARG A 195 60.97 -28.59 -25.79
C ARG A 195 61.62 -27.31 -25.26
N HIS A 196 61.25 -26.89 -24.06
CA HIS A 196 61.84 -25.73 -23.41
C HIS A 196 62.89 -26.18 -22.40
N ASN A 197 63.48 -25.22 -21.70
CA ASN A 197 64.47 -25.50 -20.66
C ASN A 197 64.07 -24.92 -19.32
N SER A 198 63.55 -23.69 -19.28
CA SER A 198 63.17 -23.04 -18.04
C SER A 198 61.95 -22.17 -18.32
N TYR A 199 60.85 -22.48 -17.64
CA TYR A 199 59.60 -21.78 -17.89
C TYR A 199 59.61 -20.44 -17.14
N THR A 200 58.97 -19.43 -17.74
CA THR A 200 59.06 -18.07 -17.25
C THR A 200 57.68 -17.55 -16.88
N CYS A 201 57.56 -16.99 -15.68
CA CYS A 201 56.32 -16.44 -15.16
C CYS A 201 56.41 -14.93 -15.10
N GLU A 202 55.37 -14.25 -15.59
CA GLU A 202 55.29 -12.79 -15.57
C GLU A 202 53.95 -12.34 -15.05
N ALA A 203 53.90 -11.14 -14.47
CA ALA A 203 52.68 -10.50 -14.00
C ALA A 203 52.92 -9.01 -13.87
N THR A 204 51.93 -8.22 -14.31
CA THR A 204 52.04 -6.77 -14.31
C THR A 204 51.09 -6.16 -13.30
N HIS A 205 51.38 -4.92 -12.92
CA HIS A 205 50.54 -4.12 -12.05
C HIS A 205 50.25 -2.78 -12.72
N LYS A 206 49.26 -2.07 -12.19
CA LYS A 206 48.98 -0.72 -12.68
C LYS A 206 50.05 0.29 -12.26
N THR A 207 50.83 -0.02 -11.23
CA THR A 207 51.88 0.87 -10.75
C THR A 207 53.24 0.55 -11.40
N SER A 208 53.58 -0.73 -11.50
CA SER A 208 54.84 -1.13 -12.10
C SER A 208 54.67 -1.31 -13.61
N THR A 209 55.54 -0.67 -14.38
CA THR A 209 55.47 -0.72 -15.84
C THR A 209 56.21 -1.91 -16.44
N SER A 210 56.65 -2.86 -15.62
CA SER A 210 57.38 -4.02 -16.11
C SER A 210 57.05 -5.23 -15.24
N PRO A 211 56.97 -6.42 -15.85
CA PRO A 211 56.74 -7.64 -15.06
C PRO A 211 57.98 -8.08 -14.30
N ILE A 212 57.84 -9.11 -13.46
CA ILE A 212 58.94 -9.65 -12.67
C ILE A 212 59.32 -11.00 -13.26
N VAL A 213 60.61 -11.18 -13.53
CA VAL A 213 61.13 -12.39 -14.16
C VAL A 213 61.76 -13.26 -13.07
N LYS A 214 61.38 -14.54 -13.06
CA LYS A 214 61.93 -15.52 -12.13
C LYS A 214 62.33 -16.76 -12.90
N SER A 215 63.54 -17.26 -12.62
CA SER A 215 64.11 -18.38 -13.36
C SER A 215 64.37 -19.54 -12.42
N PHE A 216 63.93 -20.73 -12.82
CA PHE A 216 64.18 -21.97 -12.08
C PHE A 216 64.90 -22.93 -13.01
N ASN A 217 65.64 -23.88 -12.44
CA ASN A 217 66.37 -24.87 -13.21
C ASN A 217 65.61 -26.19 -13.19
N ARG A 218 65.21 -26.65 -14.37
CA ARG A 218 64.43 -27.89 -14.46
C ARG A 218 65.32 -29.12 -14.25
N ASN A 219 66.48 -29.16 -14.89
CA ASN A 219 67.36 -30.33 -14.82
C ASN A 219 68.15 -30.39 -13.52
N GLU A 220 68.02 -29.39 -12.65
CA GLU A 220 68.66 -29.44 -11.34
C GLU A 220 67.96 -30.45 -10.44
N CYS A 221 68.74 -31.32 -9.81
CA CYS A 221 68.21 -32.32 -8.89
C CYS A 221 69.08 -32.40 -7.64
N GLN B 1 15.24 -16.58 12.38
CA GLN B 1 16.07 -17.22 13.40
C GLN B 1 15.34 -18.39 14.05
N VAL B 2 16.03 -19.52 14.25
CA VAL B 2 17.40 -19.74 13.79
C VAL B 2 17.35 -20.50 12.48
N GLN B 3 17.64 -19.81 11.39
CA GLN B 3 17.47 -20.38 10.06
C GLN B 3 18.80 -20.91 9.51
N LEU B 4 18.78 -22.17 9.09
CA LEU B 4 17.61 -23.06 9.23
C LEU B 4 17.83 -24.31 10.14
N GLN B 5 18.85 -25.18 10.01
CA GLN B 5 19.91 -25.22 8.98
C GLN B 5 19.50 -26.18 7.89
N GLN B 6 19.43 -25.69 6.66
CA GLN B 6 18.95 -26.49 5.53
C GLN B 6 20.06 -27.41 5.07
N SER B 7 19.69 -28.67 4.82
CA SER B 7 20.65 -29.70 4.45
C SER B 7 20.10 -30.51 3.27
N GLY B 8 20.83 -30.54 2.16
CA GLY B 8 22.09 -29.84 1.98
C GLY B 8 23.30 -30.73 2.15
N GLY B 9 23.97 -31.10 1.05
CA GLY B 9 23.61 -30.66 -0.29
C GLY B 9 22.83 -31.68 -1.10
N GLY B 10 22.28 -31.23 -2.23
CA GLY B 10 21.53 -32.14 -3.08
C GLY B 10 22.44 -33.05 -3.89
N LEU B 11 21.84 -33.76 -4.83
CA LEU B 11 22.56 -34.79 -5.58
C LEU B 11 21.96 -34.99 -6.96
N VAL B 12 22.81 -35.46 -7.87
CA VAL B 12 22.39 -36.08 -9.12
C VAL B 12 21.54 -37.32 -8.79
N LYS B 13 20.58 -37.68 -9.68
CA LYS B 13 20.42 -37.50 -11.11
C LYS B 13 19.24 -36.55 -11.41
N PRO B 14 19.31 -35.79 -12.53
CA PRO B 14 18.15 -34.96 -12.91
C PRO B 14 16.95 -35.70 -13.50
N GLY B 15 16.86 -37.01 -13.30
CA GLY B 15 15.64 -37.72 -13.67
C GLY B 15 14.43 -37.28 -12.87
N GLY B 16 14.63 -36.90 -11.62
CA GLY B 16 13.55 -36.31 -10.85
C GLY B 16 13.77 -36.47 -9.36
N SER B 17 12.79 -35.97 -8.60
CA SER B 17 12.63 -36.18 -7.16
C SER B 17 13.82 -35.68 -6.35
N LEU B 18 14.03 -34.36 -6.35
CA LEU B 18 14.97 -33.72 -5.44
C LEU B 18 14.19 -33.01 -4.33
N LYS B 19 14.65 -33.17 -3.09
CA LYS B 19 13.98 -32.63 -1.91
C LYS B 19 14.96 -31.81 -1.10
N LEU B 20 14.51 -30.69 -0.52
CA LEU B 20 15.32 -29.86 0.35
C LEU B 20 14.57 -29.64 1.66
N SER B 21 15.18 -30.05 2.77
CA SER B 21 14.54 -29.97 4.08
C SER B 21 15.23 -28.91 4.91
N CYS B 22 14.47 -28.23 5.76
CA CYS B 22 15.03 -27.22 6.66
C CYS B 22 14.37 -27.33 8.04
N ALA B 23 14.81 -26.50 8.98
CA ALA B 23 14.18 -26.46 10.30
C ALA B 23 13.91 -25.02 10.71
N ALA B 24 13.40 -24.82 11.92
CA ALA B 24 13.01 -23.49 12.37
C ALA B 24 12.96 -23.46 13.90
N SER B 25 12.41 -22.38 14.45
CA SER B 25 12.18 -22.25 15.89
C SER B 25 10.79 -21.77 16.25
N GLY B 26 10.06 -21.13 15.33
CA GLY B 26 8.67 -20.75 15.50
C GLY B 26 7.82 -21.62 14.59
N PHE B 27 7.46 -21.14 13.39
CA PHE B 27 7.67 -19.77 12.91
C PHE B 27 6.47 -19.37 12.03
N THR B 28 5.29 -19.88 12.41
CA THR B 28 4.18 -20.34 11.55
C THR B 28 4.04 -19.61 10.22
N PHE B 29 3.94 -20.39 9.14
CA PHE B 29 4.57 -20.23 7.83
C PHE B 29 4.68 -18.79 7.34
N SER B 30 5.90 -18.40 6.98
CA SER B 30 6.13 -17.28 6.07
C SER B 30 7.35 -17.55 5.20
N SER B 31 7.68 -18.83 4.97
CA SER B 31 8.93 -19.20 4.34
C SER B 31 8.89 -18.98 2.83
N TYR B 32 10.06 -18.69 2.27
CA TYR B 32 10.24 -18.55 0.83
C TYR B 32 11.36 -19.47 0.38
N TRP B 33 11.62 -19.43 -0.93
CA TRP B 33 12.79 -20.09 -1.51
C TRP B 33 13.33 -19.18 -2.60
N MET B 34 14.65 -19.21 -2.79
CA MET B 34 15.33 -18.39 -3.78
C MET B 34 16.53 -19.16 -4.30
N HIS B 35 16.81 -19.06 -5.60
CA HIS B 35 17.94 -19.76 -6.19
C HIS B 35 18.63 -18.86 -7.20
N TRP B 36 19.94 -19.04 -7.35
CA TRP B 36 20.75 -18.29 -8.30
C TRP B 36 21.76 -19.22 -8.96
N VAL B 37 22.04 -18.97 -10.24
CA VAL B 37 23.02 -19.79 -10.96
C VAL B 37 24.38 -19.09 -11.00
N GLN B 38 24.43 -17.89 -11.62
CA GLN B 38 25.62 -17.06 -11.59
C GLN B 38 25.28 -15.59 -11.43
N THR B 39 24.02 -15.25 -11.16
CA THR B 39 23.47 -13.90 -11.15
C THR B 39 22.94 -13.62 -9.76
N PRO B 40 22.42 -12.42 -9.48
CA PRO B 40 21.52 -12.25 -8.33
C PRO B 40 20.32 -13.19 -8.38
N GLU B 41 19.75 -13.44 -7.21
CA GLU B 41 18.83 -14.55 -6.99
C GLU B 41 17.51 -14.36 -7.72
N LYS B 42 16.83 -15.48 -7.97
CA LYS B 42 15.48 -15.50 -8.51
C LYS B 42 14.50 -15.54 -7.34
N ARG B 43 13.22 -15.81 -7.59
CA ARG B 43 12.22 -15.67 -6.54
C ARG B 43 11.05 -16.63 -6.82
N LEU B 44 11.07 -17.79 -6.14
CA LEU B 44 9.94 -18.71 -6.08
C LEU B 44 10.16 -19.65 -4.90
N GLU B 45 9.20 -19.73 -3.98
CA GLU B 45 7.84 -19.23 -4.13
C GLU B 45 7.39 -18.21 -3.07
N TRP B 46 6.09 -17.91 -3.07
CA TRP B 46 5.52 -16.80 -2.30
C TRP B 46 5.31 -17.13 -0.82
N VAL B 47 4.52 -16.32 -0.10
CA VAL B 47 4.41 -16.49 1.34
C VAL B 47 3.32 -17.54 1.64
N ALA B 48 3.64 -18.77 1.22
CA ALA B 48 2.87 -19.99 1.33
C ALA B 48 3.69 -21.05 0.62
N THR B 49 3.03 -22.17 0.31
CA THR B 49 3.55 -23.01 -0.76
C THR B 49 2.94 -22.65 -2.11
N ILE B 50 2.21 -21.53 -2.19
CA ILE B 50 1.51 -21.18 -3.42
C ILE B 50 2.50 -20.71 -4.47
N SER B 51 2.08 -20.73 -5.74
CA SER B 51 2.95 -20.57 -6.89
C SER B 51 3.37 -19.11 -7.06
N SER B 52 4.23 -18.88 -8.05
CA SER B 52 4.65 -17.55 -8.46
C SER B 52 4.49 -17.40 -9.97
N GLY B 53 4.44 -16.15 -10.41
CA GLY B 53 4.25 -15.87 -11.83
C GLY B 53 5.58 -15.75 -12.55
N GLY B 54 5.79 -16.59 -13.55
CA GLY B 54 7.05 -16.64 -14.27
C GLY B 54 7.94 -17.81 -13.89
N GLY B 55 7.76 -18.39 -12.71
CA GLY B 55 8.56 -19.54 -12.33
C GLY B 55 8.14 -20.78 -13.09
N ASP B 56 9.01 -21.79 -13.07
CA ASP B 56 8.78 -23.01 -13.81
C ASP B 56 7.73 -23.89 -13.11
N THR B 57 7.52 -25.08 -13.67
CA THR B 57 6.43 -25.93 -13.24
C THR B 57 6.67 -26.58 -11.87
N TYR B 58 7.90 -26.55 -11.36
CA TYR B 58 8.18 -27.13 -10.05
C TYR B 58 7.75 -26.14 -8.97
N TYR B 59 6.70 -26.52 -8.25
CA TYR B 59 6.15 -25.71 -7.17
C TYR B 59 5.94 -26.63 -5.97
N GLY B 60 6.84 -26.51 -5.02
CA GLY B 60 6.94 -27.49 -3.94
C GLY B 60 6.00 -27.30 -2.78
N ASP B 61 5.40 -28.39 -2.31
CA ASP B 61 4.63 -28.35 -1.08
C ASP B 61 5.58 -28.24 0.10
N SER B 62 5.23 -27.34 1.02
CA SER B 62 6.00 -27.13 2.24
C SER B 62 5.03 -27.16 3.41
N VAL B 63 5.32 -28.02 4.38
CA VAL B 63 4.36 -28.27 5.45
C VAL B 63 4.39 -27.12 6.45
N LYS B 64 3.33 -27.04 7.26
CA LYS B 64 3.15 -25.99 8.24
C LYS B 64 3.17 -26.59 9.64
N GLY B 65 3.79 -25.89 10.59
CA GLY B 65 4.62 -24.72 10.36
C GLY B 65 6.15 -24.78 10.28
N PRO B 66 6.84 -25.27 11.31
CA PRO B 66 8.30 -25.09 11.39
C PRO B 66 9.16 -26.13 10.69
N ALA B 67 8.62 -26.96 9.80
CA ALA B 67 9.46 -27.92 9.11
C ALA B 67 9.71 -27.51 7.66
N THR B 68 8.63 -27.14 6.95
CA THR B 68 8.62 -26.68 5.56
C THR B 68 9.32 -27.64 4.60
N ILE B 69 8.85 -28.87 4.53
CA ILE B 69 9.37 -29.89 3.63
C ILE B 69 8.38 -30.08 2.49
N SER B 70 8.84 -29.89 1.25
CA SER B 70 10.22 -29.59 0.86
C SER B 70 10.24 -28.61 -0.31
N ARG B 71 11.39 -28.55 -0.98
CA ARG B 71 11.49 -27.79 -2.23
C ARG B 71 10.75 -28.51 -3.35
N ASP B 72 10.81 -29.84 -3.37
CA ASP B 72 10.15 -30.72 -4.35
C ASP B 72 10.54 -30.38 -5.78
N ASN B 73 11.82 -30.53 -6.09
CA ASN B 73 12.36 -30.19 -7.40
C ASN B 73 12.22 -31.39 -8.34
N ALA B 74 10.97 -31.72 -8.66
CA ALA B 74 10.69 -32.88 -9.49
C ALA B 74 10.94 -32.56 -10.96
N LYS B 75 11.44 -33.56 -11.69
CA LYS B 75 11.74 -33.51 -13.13
C LYS B 75 12.72 -32.38 -13.45
N ASN B 76 13.96 -32.53 -12.98
CA ASN B 76 15.00 -31.54 -13.27
C ASN B 76 15.39 -31.59 -14.74
N THR B 77 15.79 -30.45 -15.28
CA THR B 77 16.23 -30.35 -16.66
C THR B 77 17.64 -29.79 -16.79
N LEU B 78 18.47 -29.96 -15.75
CA LEU B 78 19.89 -29.57 -15.64
C LEU B 78 20.15 -28.08 -15.80
N TYR B 79 19.09 -27.27 -15.93
CA TYR B 79 19.15 -25.82 -15.88
C TYR B 79 19.17 -25.43 -14.41
N LEU B 80 18.51 -26.24 -13.58
CA LEU B 80 18.24 -25.92 -12.19
C LEU B 80 19.40 -26.31 -11.26
N GLN B 81 20.58 -26.56 -11.79
CA GLN B 81 21.76 -26.82 -10.98
C GLN B 81 22.22 -25.50 -10.38
N MET B 82 21.86 -25.26 -9.12
CA MET B 82 22.04 -23.95 -8.52
C MET B 82 22.13 -24.12 -7.00
N SER B 83 22.03 -23.01 -6.27
CA SER B 83 22.12 -22.99 -4.82
C SER B 83 20.86 -22.36 -4.27
N SER B 84 20.15 -23.08 -3.39
CA SER B 84 18.86 -22.65 -2.89
C SER B 84 18.98 -22.03 -1.50
N LEU B 85 18.10 -21.06 -1.24
CA LEU B 85 18.06 -20.33 0.02
C LEU B 85 16.63 -20.36 0.52
N LYS B 86 16.42 -19.96 1.78
CA LYS B 86 15.09 -20.03 2.38
C LYS B 86 14.93 -19.03 3.52
N SER B 87 14.20 -17.95 3.25
CA SER B 87 13.94 -16.88 4.21
C SER B 87 12.80 -17.28 5.12
N GLU B 88 12.65 -16.59 6.25
CA GLU B 88 11.68 -17.02 7.25
C GLU B 88 10.54 -16.01 7.42
N ASP B 89 10.86 -14.71 7.34
CA ASP B 89 9.94 -13.57 7.43
C ASP B 89 9.16 -13.51 8.74
N THR B 90 9.82 -13.41 9.89
CA THR B 90 9.18 -12.94 11.11
C THR B 90 10.19 -12.03 11.82
N ALA B 91 10.08 -10.74 11.56
CA ALA B 91 10.99 -9.73 12.08
C ALA B 91 10.84 -9.67 13.60
N MET B 92 11.96 -9.66 14.32
CA MET B 92 13.32 -9.54 13.82
C MET B 92 13.87 -10.98 13.66
N TYR B 93 14.70 -11.28 12.65
CA TYR B 93 15.36 -10.33 11.76
C TYR B 93 15.41 -10.74 10.28
N ALA B 94 14.59 -11.72 9.89
CA ALA B 94 14.40 -12.16 8.50
C ALA B 94 15.71 -12.64 7.85
N CYS B 95 16.26 -13.73 8.38
CA CYS B 95 17.48 -14.31 7.84
C CYS B 95 17.20 -15.65 7.17
N THR B 96 18.10 -16.06 6.28
CA THR B 96 17.85 -17.31 5.56
C THR B 96 18.72 -18.44 6.10
N GLY B 97 18.75 -19.54 5.35
CA GLY B 97 19.43 -20.76 5.77
C GLY B 97 20.95 -20.63 5.92
N ALA B 98 21.69 -20.53 4.81
CA ALA B 98 21.21 -20.35 3.43
C ALA B 98 21.39 -21.56 2.51
N GLY B 99 21.17 -22.75 3.04
CA GLY B 99 21.06 -23.96 2.24
C GLY B 99 22.38 -24.37 1.61
N GLY B 100 22.27 -25.21 0.61
CA GLY B 100 23.43 -25.72 -0.11
C GLY B 100 23.15 -25.92 -1.57
N SER B 101 24.21 -25.92 -2.37
CA SER B 101 24.08 -26.05 -3.82
C SER B 101 23.81 -27.50 -4.21
N THR B 102 23.35 -27.68 -5.45
CA THR B 102 23.05 -29.02 -5.98
C THR B 102 23.31 -29.08 -7.49
N TYR B 103 24.54 -29.47 -7.85
CA TYR B 103 24.87 -29.78 -9.24
C TYR B 103 25.36 -31.21 -9.40
N TYR B 104 26.49 -31.57 -8.79
CA TYR B 104 26.89 -32.92 -8.37
C TYR B 104 27.11 -33.97 -9.45
N PHE B 105 26.80 -33.68 -10.73
CA PHE B 105 27.48 -34.16 -11.93
C PHE B 105 27.88 -35.64 -12.01
N ASP B 106 26.90 -36.53 -12.21
CA ASP B 106 27.01 -37.99 -12.35
C ASP B 106 28.21 -38.43 -13.20
N TYR B 107 28.88 -39.53 -12.81
CA TYR B 107 28.55 -40.34 -11.62
C TYR B 107 29.73 -40.74 -10.74
N TRP B 108 30.91 -40.89 -11.35
CA TRP B 108 32.00 -41.62 -10.71
C TRP B 108 32.64 -40.81 -9.59
N GLY B 109 33.22 -41.53 -8.62
CA GLY B 109 33.73 -40.94 -7.40
C GLY B 109 35.00 -40.13 -7.57
N GLN B 110 35.97 -40.66 -8.34
CA GLN B 110 37.23 -40.02 -8.66
C GLN B 110 38.04 -39.67 -7.41
N GLY B 111 38.59 -40.69 -6.74
CA GLY B 111 39.53 -40.49 -5.66
C GLY B 111 40.72 -39.63 -6.06
N THR B 112 41.30 -39.00 -5.04
CA THR B 112 42.16 -37.84 -5.24
C THR B 112 43.50 -38.20 -5.90
N THR B 113 43.97 -37.28 -6.74
CA THR B 113 45.25 -37.40 -7.44
C THR B 113 45.99 -36.08 -7.31
N VAL B 114 47.24 -36.14 -6.87
CA VAL B 114 47.98 -34.94 -6.51
C VAL B 114 49.27 -34.88 -7.32
N THR B 115 49.78 -33.66 -7.53
CA THR B 115 51.07 -33.44 -8.16
C THR B 115 51.75 -32.33 -7.35
N VAL B 116 52.55 -32.74 -6.38
CA VAL B 116 53.11 -31.81 -5.40
C VAL B 116 54.28 -31.06 -6.02
N SER B 117 54.37 -29.76 -5.73
CA SER B 117 55.47 -28.93 -6.20
C SER B 117 56.51 -28.78 -5.09
N SER B 118 57.78 -28.83 -5.48
CA SER B 118 58.89 -28.64 -4.57
C SER B 118 59.59 -27.32 -4.87
N PRO B 119 59.64 -26.37 -3.93
CA PRO B 119 60.24 -25.07 -4.23
C PRO B 119 61.75 -25.13 -4.21
N ALA B 120 62.35 -24.55 -5.25
CA ALA B 120 63.81 -24.47 -5.37
C ALA B 120 64.21 -23.30 -6.24
N ALA B 125 64.96 -21.17 -2.02
CA ALA B 125 65.17 -20.35 -3.21
C ALA B 125 65.48 -18.91 -2.83
N ALA B 126 64.77 -18.41 -1.84
CA ALA B 126 64.88 -17.01 -1.41
C ALA B 126 64.64 -16.97 0.09
N SER B 127 64.34 -15.77 0.61
CA SER B 127 64.12 -15.58 2.03
C SER B 127 62.83 -16.22 2.52
N MET B 128 61.88 -16.49 1.63
CA MET B 128 60.65 -17.19 1.98
C MET B 128 60.56 -18.48 1.19
N VAL B 129 59.87 -19.47 1.78
CA VAL B 129 59.64 -20.77 1.16
C VAL B 129 58.13 -20.95 1.07
N THR B 130 57.60 -20.90 -0.15
CA THR B 130 56.18 -21.10 -0.39
C THR B 130 55.97 -22.51 -0.94
N LEU B 131 54.89 -23.15 -0.51
CA LEU B 131 54.70 -24.57 -0.80
C LEU B 131 53.22 -24.87 -0.98
N GLY B 132 52.91 -25.70 -1.99
CA GLY B 132 51.54 -26.09 -2.27
C GLY B 132 51.45 -27.29 -3.18
N CYS B 133 50.43 -28.13 -2.97
CA CYS B 133 50.27 -29.36 -3.73
C CYS B 133 49.04 -29.26 -4.63
N LEU B 134 49.19 -29.71 -5.88
CA LEU B 134 48.16 -29.59 -6.92
C LEU B 134 47.28 -30.82 -6.90
N VAL B 135 46.19 -30.77 -6.14
CA VAL B 135 45.17 -31.82 -6.21
C VAL B 135 44.40 -31.60 -7.52
N LYS B 136 44.65 -32.45 -8.51
CA LYS B 136 44.24 -32.19 -9.88
C LYS B 136 43.29 -33.28 -10.38
N GLY B 137 42.22 -32.83 -11.03
CA GLY B 137 41.38 -33.72 -11.80
C GLY B 137 40.42 -34.55 -10.99
N TYR B 138 39.95 -34.02 -9.87
CA TYR B 138 39.03 -34.71 -8.97
C TYR B 138 37.60 -34.30 -9.33
N PHE B 139 36.67 -35.25 -9.21
CA PHE B 139 35.25 -34.90 -9.34
C PHE B 139 34.72 -34.09 -8.16
N PRO B 140 34.73 -34.55 -6.87
CA PRO B 140 33.91 -33.86 -5.86
C PRO B 140 34.58 -32.62 -5.29
N GLU B 141 34.02 -31.45 -5.61
CA GLU B 141 34.45 -30.15 -5.09
C GLU B 141 34.54 -30.03 -3.56
N PRO B 142 33.74 -30.72 -2.74
CA PRO B 142 34.07 -30.78 -1.31
C PRO B 142 35.37 -31.53 -1.05
N VAL B 143 36.23 -30.92 -0.25
CA VAL B 143 37.47 -31.53 0.23
C VAL B 143 37.79 -30.94 1.61
N THR B 144 38.88 -31.41 2.21
CA THR B 144 39.35 -30.87 3.48
C THR B 144 40.88 -30.88 3.46
N VAL B 145 41.48 -29.70 3.27
CA VAL B 145 42.92 -29.56 3.12
C VAL B 145 43.56 -29.39 4.49
N THR B 146 44.57 -30.21 4.78
CA THR B 146 45.29 -30.17 6.05
C THR B 146 46.78 -30.11 5.78
N TRP B 147 47.45 -29.11 6.32
CA TRP B 147 48.88 -28.90 6.13
C TRP B 147 49.63 -29.11 7.44
N ASN B 148 50.81 -29.76 7.33
CA ASN B 148 51.72 -30.04 8.46
C ASN B 148 51.04 -30.84 9.56
N SER B 149 50.19 -31.79 9.15
CA SER B 149 49.46 -32.71 10.04
C SER B 149 48.56 -31.96 11.04
N GLY B 150 48.05 -30.81 10.66
CA GLY B 150 47.15 -30.05 11.48
C GLY B 150 47.76 -28.91 12.26
N SER B 151 48.76 -28.22 11.71
CA SER B 151 49.40 -27.11 12.41
C SER B 151 49.48 -25.87 11.53
N LEU B 152 49.55 -26.06 10.23
CA LEU B 152 49.75 -24.97 9.27
C LEU B 152 48.47 -24.61 8.52
N SER B 153 47.32 -24.66 9.21
CA SER B 153 46.03 -24.36 8.60
C SER B 153 45.67 -22.88 8.68
N SER B 154 46.66 -21.99 8.82
CA SER B 154 46.43 -20.57 8.96
C SER B 154 46.70 -19.80 7.67
N GLY B 155 47.85 -20.03 7.05
CA GLY B 155 48.22 -19.36 5.81
C GLY B 155 47.75 -20.03 4.55
N VAL B 156 46.81 -20.97 4.65
CA VAL B 156 46.32 -21.71 3.49
C VAL B 156 45.43 -20.80 2.65
N HIS B 157 45.78 -20.67 1.37
CA HIS B 157 44.98 -19.89 0.42
C HIS B 157 44.10 -20.86 -0.37
N THR B 158 42.86 -21.02 0.07
CA THR B 158 41.92 -21.87 -0.66
C THR B 158 41.48 -21.17 -1.94
N PHE B 159 41.73 -21.81 -3.08
CA PHE B 159 41.57 -21.25 -4.41
C PHE B 159 40.33 -21.82 -5.10
N PRO B 160 39.65 -21.04 -5.94
CA PRO B 160 38.51 -21.56 -6.70
C PRO B 160 38.98 -22.52 -7.80
N ALA B 161 38.33 -23.68 -7.85
CA ALA B 161 38.65 -24.67 -8.88
C ALA B 161 37.89 -24.36 -10.17
N VAL B 162 38.42 -24.86 -11.28
CA VAL B 162 37.87 -24.61 -12.61
C VAL B 162 37.44 -25.95 -13.22
N LEU B 163 36.23 -25.99 -13.77
CA LEU B 163 35.64 -27.17 -14.38
C LEU B 163 35.95 -27.22 -15.86
N GLN B 164 36.60 -28.30 -16.31
CA GLN B 164 36.71 -28.63 -17.73
C GLN B 164 36.34 -30.09 -17.92
N SER B 165 35.05 -30.38 -18.05
CA SER B 165 34.51 -31.72 -18.30
C SER B 165 34.92 -32.72 -17.20
N ASP B 166 34.37 -32.51 -16.00
CA ASP B 166 34.52 -33.36 -14.82
C ASP B 166 35.96 -33.48 -14.34
N LEU B 167 36.70 -32.38 -14.28
CA LEU B 167 37.98 -32.33 -13.60
C LEU B 167 38.11 -30.99 -12.89
N TYR B 168 38.54 -31.02 -11.64
CA TYR B 168 38.71 -29.83 -10.82
C TYR B 168 40.16 -29.76 -10.32
N THR B 169 40.55 -28.58 -9.85
CA THR B 169 41.91 -28.38 -9.37
C THR B 169 41.90 -27.43 -8.18
N LEU B 170 42.16 -27.96 -6.99
CA LEU B 170 42.41 -27.16 -5.80
C LEU B 170 43.90 -27.13 -5.54
N SER B 171 44.40 -25.98 -5.09
CA SER B 171 45.77 -25.85 -4.63
C SER B 171 45.80 -24.96 -3.41
N SER B 172 46.62 -25.34 -2.42
CA SER B 172 46.66 -24.66 -1.13
C SER B 172 48.11 -24.23 -0.88
N SER B 173 48.38 -22.94 -1.10
CA SER B 173 49.71 -22.39 -0.86
C SER B 173 49.93 -22.20 0.63
N VAL B 174 50.95 -22.86 1.17
CA VAL B 174 51.39 -22.62 2.53
C VAL B 174 52.82 -22.07 2.46
N THR B 175 53.16 -21.21 3.43
CA THR B 175 54.43 -20.52 3.42
C THR B 175 55.16 -20.78 4.73
N VAL B 176 56.37 -21.30 4.62
CA VAL B 176 57.20 -21.62 5.78
C VAL B 176 58.50 -20.82 5.66
N PRO B 177 59.18 -20.59 6.78
CA PRO B 177 60.57 -20.13 6.72
C PRO B 177 61.51 -21.31 6.54
N SER B 178 62.81 -21.03 6.46
CA SER B 178 63.81 -22.06 6.23
C SER B 178 64.33 -22.68 7.53
N SER B 179 63.58 -22.57 8.62
CA SER B 179 63.97 -23.24 9.86
C SER B 179 63.55 -24.71 9.86
N THR B 180 62.43 -25.02 9.19
CA THR B 180 61.98 -26.39 9.01
C THR B 180 62.41 -26.95 7.67
N TRP B 181 62.09 -26.23 6.60
CA TRP B 181 62.53 -26.62 5.26
C TRP B 181 64.03 -26.36 5.11
N PRO B 182 64.79 -27.28 4.52
CA PRO B 182 64.38 -28.59 4.00
C PRO B 182 64.76 -29.74 4.91
N SER B 183 64.88 -29.46 6.21
CA SER B 183 65.33 -30.47 7.16
C SER B 183 64.17 -31.37 7.61
N GLU B 184 63.07 -30.75 8.04
CA GLU B 184 61.97 -31.48 8.64
C GLU B 184 61.08 -32.10 7.56
N THR B 185 59.93 -32.63 7.97
CA THR B 185 59.02 -33.36 7.09
C THR B 185 57.76 -32.56 6.87
N VAL B 186 57.39 -32.36 5.60
CA VAL B 186 56.20 -31.62 5.21
C VAL B 186 55.38 -32.45 4.23
N THR B 187 54.07 -32.48 4.44
CA THR B 187 53.15 -33.29 3.64
C THR B 187 51.74 -32.75 3.81
N CYS B 188 51.08 -32.44 2.69
CA CYS B 188 49.68 -32.02 2.73
C CYS B 188 48.77 -33.23 2.80
N ASN B 189 47.72 -33.10 3.62
CA ASN B 189 46.77 -34.18 3.85
C ASN B 189 45.38 -33.72 3.42
N VAL B 190 44.69 -34.58 2.67
CA VAL B 190 43.34 -34.28 2.18
C VAL B 190 42.39 -35.30 2.77
N ALA B 191 41.50 -34.84 3.64
CA ALA B 191 40.39 -35.65 4.12
C ALA B 191 39.25 -35.55 3.11
N HIS B 192 38.84 -36.70 2.57
CA HIS B 192 37.99 -36.71 1.39
C HIS B 192 36.55 -37.01 1.80
N PRO B 193 35.60 -36.11 1.55
CA PRO B 193 34.23 -36.31 2.05
C PRO B 193 33.42 -37.34 1.27
N ALA B 194 33.51 -37.32 -0.06
CA ALA B 194 32.60 -38.11 -0.89
C ALA B 194 33.05 -39.55 -1.08
N SER B 195 34.36 -39.79 -1.21
CA SER B 195 34.87 -41.13 -1.45
C SER B 195 35.72 -41.69 -0.32
N SER B 196 36.20 -40.85 0.61
CA SER B 196 37.00 -41.23 1.78
C SER B 196 38.29 -41.94 1.38
N THR B 197 39.08 -41.28 0.54
CA THR B 197 40.35 -41.80 0.05
C THR B 197 41.48 -40.97 0.65
N LYS B 198 42.56 -41.63 1.06
CA LYS B 198 43.68 -40.99 1.75
C LYS B 198 44.87 -40.87 0.81
N VAL B 199 45.46 -39.67 0.75
CA VAL B 199 46.64 -39.40 -0.06
C VAL B 199 47.76 -38.94 0.88
N ASP B 200 48.99 -39.35 0.58
CA ASP B 200 50.15 -38.97 1.37
C ASP B 200 51.36 -38.91 0.45
N LYS B 201 51.97 -37.72 0.33
CA LYS B 201 53.10 -37.53 -0.56
C LYS B 201 54.12 -36.61 0.09
N LYS B 202 55.40 -36.94 -0.09
CA LYS B 202 56.51 -36.25 0.52
C LYS B 202 57.24 -35.39 -0.51
N ILE B 203 57.60 -34.17 -0.11
CA ILE B 203 58.37 -33.26 -0.96
C ILE B 203 59.82 -33.76 -1.02
N VAL B 204 60.32 -33.98 -2.22
CA VAL B 204 61.70 -34.45 -2.40
C VAL B 204 62.66 -33.30 -2.12
N PRO B 205 63.73 -33.52 -1.34
CA PRO B 205 64.72 -32.46 -1.15
C PRO B 205 65.77 -32.45 -2.26
N ARG B 206 66.37 -31.30 -2.51
CA ARG B 206 67.37 -31.17 -3.57
C ARG B 206 68.73 -31.67 -3.10
N ARG C 9 -39.08 31.07 -4.76
CA ARG C 9 -37.75 30.92 -5.35
C ARG C 9 -37.67 29.67 -6.21
N ALA C 10 -36.47 29.39 -6.70
CA ALA C 10 -36.17 28.15 -7.40
C ALA C 10 -35.50 27.17 -6.44
N VAL C 11 -35.33 25.94 -6.91
CA VAL C 11 -34.69 24.90 -6.12
C VAL C 11 -33.24 24.78 -6.59
N GLY C 12 -32.34 24.50 -5.64
CA GLY C 12 -30.94 24.35 -5.93
C GLY C 12 -30.11 25.62 -5.85
N ARG C 13 -30.72 26.79 -6.00
CA ARG C 13 -29.99 28.03 -5.84
C ARG C 13 -29.64 28.24 -4.37
N VAL C 14 -28.46 28.82 -4.13
CA VAL C 14 -27.89 28.92 -2.79
C VAL C 14 -28.63 29.98 -1.99
N ALA C 15 -28.44 29.98 -0.68
CA ALA C 15 -29.08 30.94 0.19
C ALA C 15 -28.41 32.30 0.06
N ASP C 16 -29.06 33.31 0.61
CA ASP C 16 -28.59 34.69 0.50
C ASP C 16 -27.84 35.09 1.76
N THR C 17 -27.42 36.35 1.81
CA THR C 17 -26.79 36.94 2.99
C THR C 17 -27.64 38.13 3.39
N VAL C 18 -28.47 37.95 4.42
CA VAL C 18 -29.32 39.04 4.90
C VAL C 18 -28.45 40.06 5.62
N ALA C 19 -28.83 41.33 5.50
CA ALA C 19 -28.07 42.42 6.12
C ALA C 19 -28.20 42.37 7.64
N SER C 20 -27.22 42.98 8.31
CA SER C 20 -27.17 42.95 9.77
C SER C 20 -26.60 44.28 10.24
N GLY C 21 -26.27 44.34 11.53
CA GLY C 21 -25.73 45.54 12.12
C GLY C 21 -25.03 45.24 13.42
N PRO C 22 -24.67 46.29 14.18
CA PRO C 22 -23.99 46.07 15.46
C PRO C 22 -24.97 45.60 16.51
N VAL C 23 -24.68 44.46 17.14
CA VAL C 23 -25.53 43.89 18.17
C VAL C 23 -24.75 43.81 19.47
N ASN C 24 -25.49 43.80 20.57
CA ASN C 24 -24.93 43.59 21.90
C ASN C 24 -26.03 42.91 22.73
N THR C 25 -26.03 41.58 22.73
CA THR C 25 -27.07 40.79 23.37
C THR C 25 -26.42 39.69 24.20
N GLU C 26 -27.27 38.86 24.80
CA GLU C 26 -26.85 37.66 25.51
C GLU C 26 -26.78 36.44 24.59
N GLN C 27 -27.08 36.60 23.31
CA GLN C 27 -27.03 35.49 22.38
C GLN C 27 -25.58 35.17 22.03
N ILE C 28 -25.31 33.88 21.82
CA ILE C 28 -23.97 33.45 21.43
C ILE C 28 -24.04 32.63 20.14
N PRO C 29 -24.09 33.28 18.97
CA PRO C 29 -24.05 32.51 17.72
C PRO C 29 -22.67 31.95 17.44
N ALA C 30 -21.62 32.56 17.98
CA ALA C 30 -20.26 32.10 17.72
C ALA C 30 -19.96 30.82 18.50
N LEU C 31 -20.24 30.82 19.80
CA LEU C 31 -19.94 29.67 20.64
C LEU C 31 -20.90 28.53 20.36
N THR C 32 -20.39 27.31 20.49
CA THR C 32 -21.13 26.09 20.21
C THR C 32 -20.45 24.94 20.96
N ALA C 33 -20.84 23.71 20.63
CA ALA C 33 -20.23 22.53 21.24
C ALA C 33 -20.21 21.42 20.18
N VAL C 34 -19.02 21.10 19.68
CA VAL C 34 -18.88 20.08 18.65
C VAL C 34 -18.94 18.67 19.23
N GLU C 35 -18.97 18.55 20.57
CA GLU C 35 -19.15 17.26 21.22
C GLU C 35 -20.51 16.64 20.94
N THR C 36 -21.49 17.45 20.53
CA THR C 36 -22.78 16.92 20.09
C THR C 36 -22.72 16.30 18.70
N GLY C 37 -21.63 16.48 17.96
CA GLY C 37 -21.60 16.05 16.59
C GLY C 37 -22.43 16.92 15.67
N HIS C 38 -22.65 18.17 16.06
CA HIS C 38 -23.53 19.09 15.35
C HIS C 38 -22.69 20.20 14.75
N THR C 39 -22.59 20.22 13.42
CA THR C 39 -21.87 21.29 12.74
C THR C 39 -22.67 22.58 12.85
N SER C 40 -21.96 23.67 13.11
CA SER C 40 -22.65 24.94 13.33
C SER C 40 -23.15 25.52 12.01
N GLN C 41 -24.35 26.09 12.06
CA GLN C 41 -24.99 26.69 10.91
C GLN C 41 -24.80 28.19 10.87
N VAL C 42 -23.61 28.67 11.26
CA VAL C 42 -23.40 30.10 11.43
C VAL C 42 -23.35 30.81 10.09
N VAL C 43 -24.36 31.64 9.86
CA VAL C 43 -24.42 32.54 8.71
C VAL C 43 -23.36 33.62 8.97
N PRO C 44 -22.69 34.12 7.92
CA PRO C 44 -21.73 35.22 8.12
C PRO C 44 -22.30 36.50 8.72
N SER C 45 -23.63 36.68 8.70
CA SER C 45 -24.24 37.84 9.33
C SER C 45 -24.18 37.75 10.84
N ASP C 46 -23.97 36.55 11.39
CA ASP C 46 -24.01 36.37 12.83
C ASP C 46 -22.67 36.71 13.48
N THR C 47 -21.66 36.98 12.67
CA THR C 47 -20.35 37.34 13.22
C THR C 47 -20.01 38.80 12.96
N MET C 48 -20.11 39.25 11.72
CA MET C 48 -19.75 40.59 11.32
C MET C 48 -20.97 41.35 10.83
N GLN C 49 -20.76 42.60 10.41
CA GLN C 49 -21.81 43.38 9.77
C GLN C 49 -21.80 43.14 8.26
N THR C 50 -22.80 42.44 7.74
CA THR C 50 -22.87 42.14 6.33
C THR C 50 -23.94 42.97 5.64
N ARG C 51 -23.80 43.08 4.32
CA ARG C 51 -24.76 43.76 3.47
C ARG C 51 -25.69 42.76 2.81
N HIS C 52 -26.79 43.27 2.28
CA HIS C 52 -27.77 42.43 1.60
C HIS C 52 -27.26 42.12 0.20
N VAL C 53 -26.80 40.89 -0.01
CA VAL C 53 -26.23 40.46 -1.28
C VAL C 53 -27.09 39.33 -1.82
N ILE C 54 -27.58 39.49 -3.05
CA ILE C 54 -28.37 38.47 -3.70
C ILE C 54 -27.43 37.52 -4.41
N ASN C 55 -27.53 36.23 -4.09
CA ASN C 55 -26.70 35.20 -4.70
C ASN C 55 -27.49 34.49 -5.79
N TYR C 56 -27.01 34.62 -7.03
CA TYR C 56 -27.61 33.95 -8.18
C TYR C 56 -26.90 32.66 -8.52
N HIS C 57 -25.97 32.22 -7.69
CA HIS C 57 -25.23 30.98 -7.96
C HIS C 57 -26.12 29.78 -7.72
N THR C 58 -25.82 28.71 -8.44
CA THR C 58 -26.58 27.47 -8.32
C THR C 58 -25.63 26.32 -8.00
N ARG C 59 -26.21 25.24 -7.48
CA ARG C 59 -25.48 24.03 -7.14
C ARG C 59 -25.71 22.93 -8.16
N SER C 60 -25.81 23.31 -9.43
CA SER C 60 -26.14 22.35 -10.48
C SER C 60 -24.99 21.38 -10.75
N GLU C 61 -23.76 21.88 -10.71
CA GLU C 61 -22.60 21.06 -11.03
C GLU C 61 -22.26 20.06 -9.93
N SER C 62 -22.84 20.19 -8.74
CA SER C 62 -22.49 19.33 -7.62
C SER C 62 -23.56 18.30 -7.32
N SER C 63 -24.56 18.15 -8.18
CA SER C 63 -25.54 17.10 -8.00
C SER C 63 -24.92 15.75 -8.36
N ILE C 64 -25.56 14.68 -7.86
CA ILE C 64 -25.02 13.34 -8.07
C ILE C 64 -25.15 12.91 -9.53
N GLU C 65 -26.12 13.46 -10.25
CA GLU C 65 -26.27 13.11 -11.66
C GLU C 65 -25.19 13.76 -12.52
N ASN C 66 -24.81 15.00 -12.21
CA ASN C 66 -23.77 15.68 -12.96
C ASN C 66 -22.36 15.32 -12.49
N PHE C 67 -22.23 14.69 -11.33
CA PHE C 67 -20.93 14.28 -10.83
C PHE C 67 -20.53 12.90 -11.34
N MET C 68 -21.46 11.96 -11.37
CA MET C 68 -21.18 10.62 -11.87
C MET C 68 -21.48 10.47 -13.36
N GLY C 69 -22.39 11.26 -13.90
CA GLY C 69 -22.83 11.09 -15.26
C GLY C 69 -21.87 11.57 -16.34
N ARG C 70 -20.67 11.01 -16.38
CA ARG C 70 -19.70 11.27 -17.43
C ARG C 70 -18.98 9.97 -17.77
N ALA C 71 -18.58 9.85 -19.03
CA ALA C 71 -17.94 8.63 -19.49
C ALA C 71 -16.51 8.56 -18.99
N ALA C 72 -16.11 7.38 -18.51
CA ALA C 72 -14.76 7.15 -18.03
C ALA C 72 -14.32 5.77 -18.45
N CYS C 73 -13.08 5.66 -18.92
CA CYS C 73 -12.55 4.37 -19.38
C CYS C 73 -12.36 3.43 -18.21
N VAL C 74 -12.61 2.15 -18.44
CA VAL C 74 -12.54 1.16 -17.37
C VAL C 74 -11.47 0.12 -17.67
N TYR C 75 -11.62 -0.61 -18.76
CA TYR C 75 -10.72 -1.70 -19.10
C TYR C 75 -10.28 -1.60 -20.54
N ILE C 76 -9.00 -1.86 -20.78
CA ILE C 76 -8.40 -1.77 -22.10
C ILE C 76 -8.12 -3.18 -22.61
N ALA C 77 -9.03 -3.73 -23.40
CA ALA C 77 -8.88 -5.10 -23.89
C ALA C 77 -7.97 -5.15 -25.11
N GLN C 78 -7.11 -6.16 -25.15
CA GLN C 78 -6.23 -6.39 -26.28
C GLN C 78 -6.49 -7.77 -26.86
N TYR C 79 -6.58 -7.84 -28.18
CA TYR C 79 -6.83 -9.07 -28.90
C TYR C 79 -6.48 -8.84 -30.37
N ALA C 80 -5.86 -9.83 -30.98
CA ALA C 80 -5.36 -9.70 -32.35
C ALA C 80 -6.06 -10.72 -33.24
N THR C 81 -5.64 -10.75 -34.51
CA THR C 81 -6.17 -11.69 -35.48
C THR C 81 -5.30 -12.94 -35.64
N GLU C 82 -4.14 -12.98 -34.99
CA GLU C 82 -3.28 -14.15 -35.00
C GLU C 82 -2.73 -14.36 -33.60
N LYS C 83 -2.94 -15.55 -33.05
CA LYS C 83 -2.50 -15.85 -31.69
C LYS C 83 -0.99 -16.06 -31.65
N VAL C 84 -0.31 -15.32 -30.79
CA VAL C 84 1.13 -15.50 -30.60
C VAL C 84 1.45 -15.97 -29.18
N ASN C 85 0.61 -15.60 -28.23
CA ASN C 85 0.72 -16.10 -26.85
C ASN C 85 -0.67 -16.05 -26.22
N ASP C 86 -0.74 -16.14 -24.91
CA ASP C 86 -2.01 -16.20 -24.20
C ASP C 86 -2.43 -14.84 -23.64
N GLU C 87 -1.75 -13.76 -24.02
CA GLU C 87 -2.19 -12.42 -23.73
C GLU C 87 -2.56 -11.61 -24.97
N LEU C 88 -2.15 -12.06 -26.15
CA LEU C 88 -2.57 -11.47 -27.41
C LEU C 88 -3.33 -12.53 -28.20
N ASP C 89 -4.27 -13.19 -27.53
CA ASP C 89 -5.02 -14.28 -28.12
C ASP C 89 -5.99 -13.78 -29.19
N ARG C 90 -6.62 -14.73 -29.88
CA ARG C 90 -7.62 -14.39 -30.89
C ARG C 90 -8.86 -13.77 -30.27
N TYR C 91 -9.17 -14.11 -29.03
CA TYR C 91 -10.28 -13.50 -28.29
C TYR C 91 -9.77 -13.08 -26.92
N THR C 92 -10.61 -12.32 -26.20
CA THR C 92 -10.21 -11.79 -24.91
C THR C 92 -11.45 -11.52 -24.08
N ASN C 93 -11.49 -12.10 -22.88
CA ASN C 93 -12.59 -11.88 -21.95
C ASN C 93 -12.25 -10.75 -20.98
N TRP C 94 -13.25 -10.34 -20.21
CA TRP C 94 -13.05 -9.34 -19.17
C TRP C 94 -14.12 -9.56 -18.11
N GLU C 95 -13.69 -9.93 -16.89
CA GLU C 95 -14.61 -9.99 -15.76
C GLU C 95 -15.05 -8.58 -15.43
N ILE C 96 -16.32 -8.28 -15.67
CA ILE C 96 -16.78 -6.90 -15.73
C ILE C 96 -16.92 -6.32 -14.33
N THR C 97 -16.16 -5.27 -14.05
CA THR C 97 -16.12 -4.60 -12.76
C THR C 97 -15.63 -3.18 -12.98
N THR C 98 -15.92 -2.32 -12.00
CA THR C 98 -15.60 -0.91 -12.09
C THR C 98 -14.45 -0.52 -11.18
N ARG C 99 -13.58 -1.46 -10.84
CA ARG C 99 -12.54 -1.25 -9.85
C ARG C 99 -11.13 -1.33 -10.43
N GLN C 100 -10.98 -1.53 -11.72
CA GLN C 100 -9.65 -1.69 -12.29
C GLN C 100 -9.02 -0.36 -12.67
N VAL C 101 -9.81 0.60 -13.13
CA VAL C 101 -9.29 1.95 -13.34
C VAL C 101 -9.34 2.70 -12.02
N ALA C 102 -8.52 3.75 -11.91
CA ALA C 102 -8.40 4.46 -10.64
C ALA C 102 -9.39 5.60 -10.50
N GLN C 103 -9.63 6.35 -11.57
CA GLN C 103 -10.39 7.60 -11.44
C GLN C 103 -11.89 7.35 -11.28
N LEU C 104 -12.43 6.33 -11.95
CA LEU C 104 -13.84 6.02 -11.74
C LEU C 104 -14.06 5.32 -10.40
N ARG C 105 -13.06 4.59 -9.92
CA ARG C 105 -13.20 3.85 -8.67
C ARG C 105 -13.28 4.78 -7.47
N ARG C 106 -12.54 5.90 -7.50
CA ARG C 106 -12.57 6.83 -6.37
C ARG C 106 -13.88 7.62 -6.34
N LYS C 107 -14.53 7.79 -7.48
CA LYS C 107 -15.84 8.44 -7.48
C LYS C 107 -16.91 7.51 -6.93
N LEU C 108 -16.88 6.23 -7.32
CA LEU C 108 -17.88 5.29 -6.83
C LEU C 108 -17.64 4.88 -5.38
N GLU C 109 -16.41 5.02 -4.88
CA GLU C 109 -16.12 4.69 -3.49
C GLU C 109 -16.47 5.81 -2.52
N MET C 110 -16.90 6.98 -3.03
CA MET C 110 -17.29 8.06 -2.14
C MET C 110 -18.64 7.80 -1.50
N PHE C 111 -19.43 6.88 -2.04
CA PHE C 111 -20.70 6.48 -1.45
C PHE C 111 -20.69 4.98 -1.23
N THR C 112 -21.43 4.53 -0.21
CA THR C 112 -21.44 3.11 0.12
C THR C 112 -22.34 2.33 -0.83
N TYR C 113 -23.62 2.64 -0.84
CA TYR C 113 -24.60 1.94 -1.67
C TYR C 113 -25.05 2.87 -2.78
N MET C 114 -24.80 2.48 -4.02
CA MET C 114 -25.25 3.22 -5.19
C MET C 114 -26.24 2.38 -5.98
N ARG C 115 -26.94 3.03 -6.89
CA ARG C 115 -27.95 2.36 -7.71
C ARG C 115 -28.06 3.15 -9.02
N PHE C 116 -27.45 2.64 -10.07
CA PHE C 116 -27.41 3.36 -11.34
C PHE C 116 -27.70 2.39 -12.49
N ASP C 117 -28.32 2.93 -13.53
CA ASP C 117 -28.43 2.22 -14.80
C ASP C 117 -27.20 2.55 -15.62
N LEU C 118 -26.51 1.52 -16.09
CA LEU C 118 -25.22 1.74 -16.75
C LEU C 118 -25.43 2.09 -18.21
N GLU C 119 -24.34 2.51 -18.85
CA GLU C 119 -24.35 2.91 -20.25
C GLU C 119 -22.94 2.71 -20.78
N ILE C 120 -22.78 1.79 -21.70
CA ILE C 120 -21.47 1.27 -22.09
C ILE C 120 -21.20 1.66 -23.54
N THR C 121 -20.08 2.34 -23.77
CA THR C 121 -19.67 2.74 -25.10
C THR C 121 -18.24 2.25 -25.33
N PHE C 122 -18.04 1.49 -26.39
CA PHE C 122 -16.73 0.97 -26.75
C PHE C 122 -16.11 1.86 -27.83
N VAL C 123 -14.83 2.15 -27.69
CA VAL C 123 -14.06 2.73 -28.79
C VAL C 123 -12.99 1.71 -29.18
N ILE C 124 -13.01 1.31 -30.44
CA ILE C 124 -12.21 0.19 -30.93
C ILE C 124 -11.30 0.68 -32.03
N THR C 125 -10.01 0.65 -31.78
CA THR C 125 -9.00 1.00 -32.76
C THR C 125 -8.23 -0.25 -33.19
N SER C 126 -7.28 -0.06 -34.10
CA SER C 126 -6.50 -1.17 -34.60
C SER C 126 -5.16 -0.65 -35.10
N SER C 127 -4.19 -1.54 -35.16
CA SER C 127 -2.86 -1.21 -35.66
C SER C 127 -2.19 -2.47 -36.14
N GLN C 128 -1.52 -2.39 -37.28
CA GLN C 128 -0.79 -3.54 -37.81
C GLN C 128 0.40 -3.88 -36.92
N ARG C 129 0.62 -5.16 -36.70
CA ARG C 129 1.75 -5.58 -35.90
C ARG C 129 3.04 -5.41 -36.68
N THR C 130 4.14 -5.29 -35.95
CA THR C 130 5.44 -5.10 -36.59
C THR C 130 5.91 -6.39 -37.24
N SER C 131 6.41 -6.28 -38.47
CA SER C 131 6.83 -7.44 -39.25
C SER C 131 7.83 -6.97 -40.29
N THR C 132 8.12 -7.81 -41.27
CA THR C 132 9.06 -7.48 -42.32
C THR C 132 8.39 -6.86 -43.55
N THR C 133 7.07 -6.98 -43.68
CA THR C 133 6.36 -6.39 -44.80
C THR C 133 4.96 -6.01 -44.37
N TYR C 134 4.38 -5.03 -45.06
CA TYR C 134 3.13 -4.42 -44.63
C TYR C 134 2.07 -4.31 -45.71
N ALA C 135 2.43 -4.51 -46.98
CA ALA C 135 1.50 -4.24 -48.09
C ALA C 135 0.44 -5.33 -48.18
N SER C 136 -0.82 -4.94 -47.94
CA SER C 136 -1.94 -5.86 -48.02
C SER C 136 -3.22 -5.06 -48.18
N ASP C 137 -4.17 -5.60 -48.93
CA ASP C 137 -5.52 -5.05 -49.03
C ASP C 137 -6.44 -5.96 -48.25
N SER C 138 -7.17 -5.38 -47.29
CA SER C 138 -8.09 -6.13 -46.46
C SER C 138 -9.39 -5.33 -46.35
N PRO C 139 -10.53 -6.02 -46.37
CA PRO C 139 -11.82 -5.36 -46.11
C PRO C 139 -11.89 -4.88 -44.67
N PRO C 140 -12.77 -3.91 -44.37
CA PRO C 140 -12.85 -3.40 -42.99
C PRO C 140 -13.37 -4.46 -42.02
N LEU C 141 -12.66 -4.58 -40.89
CA LEU C 141 -12.91 -5.65 -39.94
C LEU C 141 -14.21 -5.41 -39.18
N THR C 142 -14.77 -6.49 -38.65
CA THR C 142 -15.99 -6.45 -37.85
C THR C 142 -15.69 -7.02 -36.49
N HIS C 143 -15.92 -6.24 -35.44
CA HIS C 143 -15.69 -6.69 -34.07
C HIS C 143 -17.00 -7.12 -33.44
N GLN C 144 -16.96 -8.23 -32.71
CA GLN C 144 -18.12 -8.72 -31.98
C GLN C 144 -17.81 -8.68 -30.49
N VAL C 145 -18.72 -8.09 -29.71
CA VAL C 145 -18.62 -7.99 -28.26
C VAL C 145 -19.85 -8.68 -27.70
N MET C 146 -19.68 -9.84 -27.09
CA MET C 146 -20.80 -10.61 -26.56
C MET C 146 -20.82 -10.52 -25.03
N TYR C 147 -21.94 -10.05 -24.49
CA TYR C 147 -22.17 -10.13 -23.05
C TYR C 147 -22.49 -11.56 -22.68
N VAL C 148 -21.84 -12.06 -21.64
CA VAL C 148 -22.17 -13.35 -21.04
C VAL C 148 -22.72 -13.09 -19.65
N PRO C 149 -23.95 -13.50 -19.36
CA PRO C 149 -24.49 -13.35 -18.01
C PRO C 149 -23.78 -14.30 -17.05
N PRO C 150 -23.84 -14.03 -15.73
CA PRO C 150 -23.21 -14.93 -14.78
C PRO C 150 -23.91 -16.28 -14.73
N GLY C 151 -23.16 -17.34 -15.02
CA GLY C 151 -23.76 -18.65 -15.14
C GLY C 151 -24.23 -18.95 -16.54
N GLY C 152 -23.37 -18.77 -17.54
CA GLY C 152 -23.70 -19.06 -18.91
C GLY C 152 -22.58 -19.82 -19.60
N PRO C 153 -22.81 -20.22 -20.85
CA PRO C 153 -21.76 -20.93 -21.60
C PRO C 153 -20.70 -19.98 -22.12
N ILE C 154 -19.48 -20.11 -21.61
CA ILE C 154 -18.38 -19.25 -22.04
C ILE C 154 -17.75 -19.85 -23.28
N PRO C 155 -17.24 -19.03 -24.21
CA PRO C 155 -16.50 -19.58 -25.35
C PRO C 155 -15.09 -19.99 -24.91
N LYS C 156 -14.73 -21.24 -25.18
CA LYS C 156 -13.44 -21.74 -24.72
C LYS C 156 -12.31 -21.25 -25.62
N SER C 157 -12.57 -21.14 -26.91
CA SER C 157 -11.58 -20.66 -27.86
C SER C 157 -12.32 -19.96 -29.00
N TYR C 158 -11.63 -19.77 -30.12
CA TYR C 158 -12.27 -19.25 -31.32
C TYR C 158 -13.22 -20.30 -31.92
N GLU C 159 -14.05 -19.83 -32.86
CA GLU C 159 -14.98 -20.62 -33.69
C GLU C 159 -15.88 -21.59 -32.89
N ASP C 160 -16.15 -21.24 -31.63
CA ASP C 160 -16.87 -22.12 -30.72
C ASP C 160 -18.36 -22.17 -31.05
N PHE C 161 -19.05 -23.12 -30.39
CA PHE C 161 -20.49 -23.25 -30.57
C PHE C 161 -21.24 -22.09 -29.93
N ALA C 162 -20.64 -21.42 -28.94
CA ALA C 162 -21.33 -20.44 -28.12
C ALA C 162 -21.11 -19.01 -28.58
N TRP C 163 -20.50 -18.81 -29.74
CA TRP C 163 -20.36 -17.48 -30.31
C TRP C 163 -21.57 -17.04 -31.12
N GLN C 164 -22.65 -17.84 -31.10
CA GLN C 164 -23.81 -17.57 -31.95
C GLN C 164 -24.80 -16.60 -31.33
N THR C 165 -24.73 -16.40 -30.00
CA THR C 165 -25.59 -15.49 -29.23
C THR C 165 -27.07 -15.79 -29.43
N SER C 166 -27.45 -17.03 -29.12
CA SER C 166 -28.84 -17.43 -29.31
C SER C 166 -29.76 -16.77 -28.29
N THR C 167 -29.23 -16.43 -27.12
CA THR C 167 -29.94 -15.60 -26.14
C THR C 167 -29.12 -14.44 -25.61
N ASN C 168 -27.79 -14.46 -25.76
CA ASN C 168 -26.97 -13.37 -25.27
C ASN C 168 -27.10 -12.14 -26.18
N PRO C 169 -27.03 -10.94 -25.61
CA PRO C 169 -26.96 -9.75 -26.44
C PRO C 169 -25.53 -9.49 -26.89
N SER C 170 -25.40 -8.94 -28.09
CA SER C 170 -24.09 -8.68 -28.66
C SER C 170 -24.19 -7.55 -29.67
N VAL C 171 -23.02 -7.01 -30.04
CA VAL C 171 -22.93 -5.96 -31.04
C VAL C 171 -22.01 -6.46 -32.16
N PHE C 172 -22.11 -5.80 -33.30
CA PHE C 172 -21.28 -6.11 -34.48
C PHE C 172 -20.91 -4.78 -35.11
N TRP C 173 -19.66 -4.36 -34.94
CA TRP C 173 -19.23 -3.02 -35.32
C TRP C 173 -18.19 -3.09 -36.42
N THR C 174 -18.45 -2.39 -37.51
CA THR C 174 -17.50 -2.24 -38.61
C THR C 174 -16.57 -1.08 -38.29
N GLU C 175 -15.28 -1.26 -38.55
CA GLU C 175 -14.29 -0.23 -38.26
C GLU C 175 -14.46 0.97 -39.19
N GLY C 176 -14.60 2.15 -38.60
CA GLY C 176 -14.81 3.37 -39.36
C GLY C 176 -16.16 4.03 -39.13
N ASN C 177 -17.06 3.41 -38.38
CA ASN C 177 -18.38 3.97 -38.12
C ASN C 177 -18.39 4.70 -36.78
N ALA C 178 -19.58 5.08 -36.34
CA ALA C 178 -19.74 5.63 -35.00
C ALA C 178 -19.52 4.51 -33.97
N PRO C 179 -19.05 4.87 -32.77
CA PRO C 179 -18.75 3.83 -31.77
C PRO C 179 -20.02 3.17 -31.26
N PRO C 180 -19.96 1.90 -30.87
CA PRO C 180 -21.14 1.22 -30.33
C PRO C 180 -21.52 1.78 -28.96
N ARG C 181 -22.79 1.57 -28.61
CA ARG C 181 -23.35 2.15 -27.40
C ARG C 181 -24.64 1.43 -27.05
N MET C 182 -24.80 1.05 -25.78
CA MET C 182 -26.02 0.43 -25.31
C MET C 182 -26.19 0.71 -23.83
N SER C 183 -27.44 0.73 -23.38
CA SER C 183 -27.77 1.00 -21.99
C SER C 183 -28.11 -0.30 -21.26
N ILE C 184 -27.70 -0.39 -20.00
CA ILE C 184 -27.91 -1.57 -19.17
C ILE C 184 -28.70 -1.14 -17.95
N PRO C 185 -29.77 -1.84 -17.59
CA PRO C 185 -30.50 -1.51 -16.36
C PRO C 185 -29.74 -1.94 -15.13
N PHE C 186 -30.27 -1.53 -13.98
CA PHE C 186 -29.69 -1.89 -12.68
C PHE C 186 -29.98 -3.36 -12.41
N MET C 187 -28.95 -4.19 -12.41
CA MET C 187 -29.12 -5.64 -12.42
C MET C 187 -28.35 -6.30 -11.28
N SER C 188 -28.51 -5.76 -10.07
CA SER C 188 -28.02 -6.45 -8.90
C SER C 188 -29.10 -7.41 -8.38
N VAL C 189 -28.76 -8.16 -7.35
CA VAL C 189 -29.73 -9.03 -6.71
C VAL C 189 -30.45 -8.30 -5.59
N GLY C 190 -29.71 -7.52 -4.79
CA GLY C 190 -30.31 -6.72 -3.74
C GLY C 190 -30.91 -5.44 -4.28
N ASN C 191 -31.10 -4.49 -3.38
CA ASN C 191 -31.72 -3.22 -3.75
C ASN C 191 -30.71 -2.14 -4.13
N ALA C 192 -29.42 -2.41 -4.01
CA ALA C 192 -28.40 -1.42 -4.32
C ALA C 192 -27.09 -2.12 -4.62
N TYR C 193 -26.22 -1.44 -5.36
CA TYR C 193 -24.87 -1.90 -5.58
C TYR C 193 -24.06 -1.66 -4.32
N CYS C 194 -23.50 -2.72 -3.74
CA CYS C 194 -22.69 -2.60 -2.53
C CYS C 194 -21.26 -2.32 -2.95
N ASN C 195 -20.84 -1.06 -2.85
CA ASN C 195 -19.45 -0.71 -3.13
C ASN C 195 -18.52 -1.04 -1.98
N PHE C 196 -19.06 -1.44 -0.83
CA PHE C 196 -18.25 -1.83 0.31
C PHE C 196 -19.02 -2.90 1.08
N TYR C 197 -18.41 -4.08 1.22
CA TYR C 197 -19.05 -5.21 1.88
C TYR C 197 -18.06 -5.78 2.89
N ASP C 198 -18.13 -5.29 4.12
CA ASP C 198 -17.25 -5.78 5.18
C ASP C 198 -17.81 -7.11 5.66
N GLY C 199 -17.28 -8.21 5.15
CA GLY C 199 -17.75 -9.52 5.52
C GLY C 199 -17.16 -10.58 4.63
N TRP C 200 -17.41 -11.82 5.02
CA TRP C 200 -16.80 -12.98 4.38
C TRP C 200 -17.77 -13.59 3.38
N SER C 201 -17.33 -14.68 2.74
CA SER C 201 -18.14 -15.34 1.73
C SER C 201 -18.97 -16.47 2.33
N HIS C 202 -18.32 -17.46 2.92
CA HIS C 202 -19.03 -18.55 3.55
C HIS C 202 -19.49 -18.14 4.94
N PHE C 203 -20.38 -18.95 5.51
CA PHE C 203 -20.91 -18.69 6.85
C PHE C 203 -19.93 -19.04 7.96
N SER C 204 -18.85 -19.73 7.64
CA SER C 204 -17.83 -20.09 8.62
C SER C 204 -16.81 -18.99 8.85
N GLN C 205 -17.02 -17.82 8.24
CA GLN C 205 -16.10 -16.67 8.25
C GLN C 205 -14.72 -17.10 7.73
N SER C 206 -14.71 -17.56 6.48
CA SER C 206 -13.50 -17.99 5.82
C SER C 206 -13.75 -17.96 4.32
N GLY C 207 -12.67 -17.98 3.56
CA GLY C 207 -12.77 -17.93 2.11
C GLY C 207 -12.22 -16.64 1.56
N VAL C 208 -13.04 -15.89 0.83
CA VAL C 208 -12.63 -14.63 0.24
C VAL C 208 -13.33 -13.50 0.99
N TYR C 209 -12.57 -12.44 1.28
CA TYR C 209 -13.06 -11.30 2.04
C TYR C 209 -13.16 -10.08 1.15
N GLY C 210 -14.18 -9.26 1.39
CA GLY C 210 -14.32 -7.98 0.74
C GLY C 210 -15.58 -7.90 -0.09
N TYR C 211 -15.55 -7.06 -1.11
CA TYR C 211 -16.66 -6.90 -2.04
C TYR C 211 -16.49 -7.76 -3.29
N THR C 212 -15.52 -8.67 -3.29
CA THR C 212 -15.33 -9.57 -4.41
C THR C 212 -16.50 -10.54 -4.56
N THR C 213 -17.12 -10.92 -3.44
CA THR C 213 -18.21 -11.90 -3.45
C THR C 213 -19.46 -11.36 -4.12
N LEU C 214 -19.68 -10.05 -4.06
CA LEU C 214 -20.89 -9.44 -4.62
C LEU C 214 -20.67 -8.89 -6.02
N ASN C 215 -19.50 -9.11 -6.61
CA ASN C 215 -19.24 -8.65 -7.98
C ASN C 215 -19.57 -9.72 -9.00
N ASN C 216 -20.77 -10.28 -8.90
CA ASN C 216 -21.26 -11.28 -9.85
C ASN C 216 -22.00 -10.56 -10.97
N MET C 217 -21.24 -10.18 -11.98
CA MET C 217 -21.71 -9.25 -13.01
C MET C 217 -21.64 -9.83 -14.41
N GLY C 218 -20.92 -10.92 -14.60
CA GLY C 218 -20.82 -11.54 -15.90
C GLY C 218 -19.43 -11.41 -16.50
N HIS C 219 -19.39 -11.38 -17.83
CA HIS C 219 -18.16 -11.20 -18.58
C HIS C 219 -18.45 -10.43 -19.85
N LEU C 220 -17.42 -10.24 -20.67
CA LEU C 220 -17.52 -9.46 -21.91
C LEU C 220 -16.46 -9.97 -22.87
N TYR C 221 -16.86 -10.80 -23.82
CA TYR C 221 -15.92 -11.49 -24.70
C TYR C 221 -15.77 -10.71 -26.00
N PHE C 222 -14.54 -10.29 -26.31
CA PHE C 222 -14.23 -9.59 -27.54
C PHE C 222 -13.59 -10.56 -28.52
N ARG C 223 -13.90 -10.38 -29.81
CA ARG C 223 -13.29 -11.18 -30.86
C ARG C 223 -13.45 -10.46 -32.19
N HIS C 224 -12.71 -10.93 -33.19
CA HIS C 224 -12.91 -10.52 -34.57
C HIS C 224 -13.92 -11.46 -35.23
N VAL C 225 -14.70 -10.91 -36.15
CA VAL C 225 -15.64 -11.74 -36.90
C VAL C 225 -14.96 -12.35 -38.13
N ASN C 226 -14.03 -11.61 -38.74
CA ASN C 226 -13.34 -12.07 -39.94
C ASN C 226 -12.44 -13.26 -39.64
N LYS C 227 -12.29 -14.15 -40.63
CA LYS C 227 -11.55 -15.38 -40.47
C LYS C 227 -10.07 -15.11 -40.28
N SER C 228 -9.46 -14.42 -41.22
CA SER C 228 -8.08 -13.98 -41.08
C SER C 228 -7.83 -12.78 -41.99
N THR C 229 -6.67 -12.17 -41.80
CA THR C 229 -6.15 -11.15 -42.70
C THR C 229 -4.92 -11.70 -43.40
N ALA C 230 -4.27 -10.85 -44.18
CA ALA C 230 -3.01 -11.26 -44.81
C ALA C 230 -1.88 -11.20 -43.80
N TYR C 231 -1.72 -10.08 -43.11
CA TYR C 231 -0.74 -9.88 -42.07
C TYR C 231 -1.44 -9.59 -40.75
N PRO C 232 -0.90 -10.05 -39.62
CA PRO C 232 -1.63 -9.95 -38.35
C PRO C 232 -1.75 -8.53 -37.85
N VAL C 233 -2.94 -8.21 -37.33
CA VAL C 233 -3.28 -6.87 -36.87
C VAL C 233 -3.77 -6.95 -35.43
N ASN C 234 -3.24 -6.09 -34.58
CA ASN C 234 -3.67 -6.00 -33.19
C ASN C 234 -4.81 -5.02 -33.07
N SER C 235 -5.77 -5.34 -32.22
CA SER C 235 -6.91 -4.48 -31.95
C SER C 235 -6.96 -4.15 -30.46
N VAL C 236 -7.46 -2.96 -30.16
CA VAL C 236 -7.60 -2.47 -28.79
C VAL C 236 -9.04 -2.04 -28.60
N ALA C 237 -9.66 -2.48 -27.51
CA ALA C 237 -11.03 -2.11 -27.18
C ALA C 237 -11.04 -1.44 -25.82
N ARG C 238 -11.48 -0.19 -25.77
CA ARG C 238 -11.56 0.59 -24.54
C ARG C 238 -13.01 0.72 -24.14
N VAL C 239 -13.33 0.35 -22.91
CA VAL C 239 -14.71 0.28 -22.43
C VAL C 239 -14.99 1.47 -21.53
N TYR C 240 -16.02 2.24 -21.87
CA TYR C 240 -16.39 3.45 -21.14
C TYR C 240 -17.72 3.23 -20.44
N PHE C 241 -17.80 3.62 -19.17
CA PHE C 241 -19.02 3.52 -18.39
C PHE C 241 -19.56 4.91 -18.10
N LYS C 242 -20.88 5.02 -18.07
CA LYS C 242 -21.56 6.28 -17.76
C LYS C 242 -22.79 5.98 -16.94
N PRO C 243 -22.72 6.10 -15.62
CA PRO C 243 -23.87 5.78 -14.76
C PRO C 243 -24.93 6.85 -14.85
N LYS C 244 -26.13 6.47 -15.30
CA LYS C 244 -27.28 7.37 -15.31
C LYS C 244 -28.35 6.82 -14.38
N HIS C 245 -29.29 7.72 -14.02
CA HIS C 245 -30.33 7.48 -13.01
C HIS C 245 -29.71 7.05 -11.68
N VAL C 246 -28.83 7.89 -11.13
CA VAL C 246 -28.00 7.50 -10.01
C VAL C 246 -28.68 7.87 -8.70
N LYS C 247 -28.68 6.92 -7.75
CA LYS C 247 -29.15 7.16 -6.39
C LYS C 247 -28.10 6.61 -5.45
N ALA C 248 -27.43 7.49 -4.73
CA ALA C 248 -26.31 7.12 -3.86
C ALA C 248 -26.72 7.24 -2.40
N TRP C 249 -26.23 6.32 -1.58
CA TRP C 249 -26.59 6.24 -0.17
C TRP C 249 -25.34 6.11 0.68
N VAL C 250 -25.42 6.64 1.90
CA VAL C 250 -24.42 6.54 2.97
C VAL C 250 -23.05 7.03 2.48
N PRO C 251 -22.82 8.34 2.42
CA PRO C 251 -21.57 8.86 1.85
C PRO C 251 -20.37 8.50 2.71
N ARG C 252 -19.33 7.99 2.05
CA ARG C 252 -18.09 7.65 2.72
C ARG C 252 -17.13 8.81 2.68
N ALA C 253 -16.00 8.63 3.35
CA ALA C 253 -14.96 9.63 3.22
C ALA C 253 -14.01 9.25 2.11
N PRO C 254 -13.53 10.20 1.31
CA PRO C 254 -12.81 9.85 0.08
C PRO C 254 -11.41 9.32 0.36
N ARG C 255 -11.09 8.21 -0.29
CA ARG C 255 -9.90 7.42 0.03
C ARG C 255 -8.63 8.18 -0.35
N LEU C 256 -7.66 8.17 0.58
CA LEU C 256 -6.42 8.93 0.47
C LEU C 256 -5.29 8.13 -0.17
N CYS C 257 -5.03 6.93 0.33
CA CYS C 257 -3.94 6.10 -0.18
C CYS C 257 -4.32 5.51 -1.53
N PRO C 258 -3.37 5.40 -2.45
CA PRO C 258 -3.70 4.85 -3.77
C PRO C 258 -3.90 3.35 -3.73
N TYR C 259 -4.53 2.84 -4.77
CA TYR C 259 -4.97 1.45 -4.82
C TYR C 259 -3.82 0.53 -5.17
N LEU C 260 -3.97 -0.73 -4.81
CA LEU C 260 -2.99 -1.78 -5.12
C LEU C 260 -3.57 -2.91 -5.94
N LYS C 261 -4.71 -3.44 -5.56
CA LYS C 261 -5.31 -4.60 -6.21
C LYS C 261 -6.72 -4.27 -6.64
N ALA C 262 -7.20 -5.00 -7.66
CA ALA C 262 -8.53 -4.80 -8.19
C ALA C 262 -9.61 -5.55 -7.41
N ARG C 263 -9.24 -6.46 -6.51
CA ARG C 263 -10.21 -7.23 -5.75
C ARG C 263 -10.54 -6.56 -4.42
N ASN C 264 -9.54 -6.38 -3.57
CA ASN C 264 -9.72 -5.84 -2.23
C ASN C 264 -9.23 -4.39 -2.17
N VAL C 265 -9.24 -3.83 -0.96
CA VAL C 265 -9.03 -2.39 -0.76
C VAL C 265 -7.74 -2.13 -0.02
N ASN C 266 -6.71 -2.94 -0.26
CA ASN C 266 -5.44 -2.79 0.45
C ASN C 266 -4.72 -1.52 0.02
N PHE C 267 -3.74 -1.11 0.83
CA PHE C 267 -3.14 0.20 0.69
C PHE C 267 -1.79 0.23 1.37
N ASN C 268 -0.91 1.09 0.85
CA ASN C 268 0.25 1.51 1.61
C ASN C 268 -0.17 2.45 2.74
N VAL C 269 0.63 2.50 3.79
CA VAL C 269 0.39 3.45 4.86
C VAL C 269 0.99 4.79 4.43
N GLN C 270 0.14 5.80 4.30
CA GLN C 270 0.54 7.12 3.85
C GLN C 270 0.29 8.16 4.93
N GLY C 271 0.99 9.28 4.82
CA GLY C 271 0.72 10.41 5.67
C GLY C 271 -0.59 11.08 5.32
N VAL C 272 -1.04 11.95 6.21
CA VAL C 272 -2.34 12.59 6.03
C VAL C 272 -2.27 13.64 4.92
N THR C 273 -1.28 14.53 4.98
CA THR C 273 -1.10 15.56 3.98
C THR C 273 0.38 15.70 3.62
N GLU C 274 0.67 16.68 2.76
CA GLU C 274 2.03 17.08 2.49
C GLU C 274 2.55 17.94 3.64
N SER C 275 3.85 17.91 3.83
CA SER C 275 4.46 18.64 4.94
C SER C 275 4.77 20.08 4.54
N ARG C 276 5.10 20.88 5.55
CA ARG C 276 5.53 22.26 5.36
C ARG C 276 6.60 22.57 6.39
N ASN C 277 7.08 23.82 6.38
CA ASN C 277 8.25 24.19 7.16
C ASN C 277 7.90 24.31 8.65
N LYS C 278 6.96 25.17 8.98
CA LYS C 278 6.58 25.40 10.37
C LYS C 278 5.08 25.62 10.46
N ILE C 279 4.60 25.94 11.66
CA ILE C 279 3.17 26.10 11.89
C ILE C 279 2.73 27.55 11.76
N THR C 280 3.64 28.51 11.70
CA THR C 280 3.33 29.92 11.70
C THR C 280 3.59 30.53 10.32
N LEU C 281 3.43 31.84 10.22
CA LEU C 281 3.73 32.61 9.01
C LEU C 281 4.57 33.81 9.39
N ASP C 282 5.56 34.12 8.56
CA ASP C 282 6.68 34.98 8.97
C ASP C 282 6.95 36.08 7.95
N ARG C 283 5.91 36.79 7.53
CA ARG C 283 6.07 37.95 6.67
C ARG C 283 5.09 39.02 7.12
N SER C 284 5.40 40.27 6.78
CA SER C 284 4.54 41.40 7.17
C SER C 284 3.80 41.97 5.97
N ASP D 11 -30.48 20.24 28.01
CA ASP D 11 -29.78 20.11 29.29
C ASP D 11 -28.69 19.05 29.19
N ARG D 12 -28.21 18.58 30.33
CA ARG D 12 -27.13 17.59 30.34
C ARG D 12 -27.64 16.21 30.72
N VAL D 13 -28.69 16.15 31.54
CA VAL D 13 -29.14 14.88 32.09
C VAL D 13 -29.91 14.10 31.03
N ARG D 14 -29.57 12.82 30.88
CA ARG D 14 -30.33 11.91 30.04
C ARG D 14 -30.72 10.70 30.88
N SER D 15 -31.73 9.98 30.40
CA SER D 15 -32.17 8.76 31.10
C SER D 15 -32.72 7.81 30.04
N ILE D 16 -31.89 6.88 29.59
CA ILE D 16 -32.28 5.87 28.61
C ILE D 16 -32.76 4.64 29.35
N THR D 17 -33.82 4.02 28.83
CA THR D 17 -34.32 2.77 29.38
C THR D 17 -34.77 1.86 28.25
N LEU D 18 -34.35 0.60 28.32
CA LEU D 18 -34.68 -0.38 27.30
C LEU D 18 -34.81 -1.74 27.97
N GLY D 19 -35.98 -2.35 27.82
CA GLY D 19 -36.18 -3.66 28.44
C GLY D 19 -36.30 -3.53 29.95
N ASN D 20 -35.26 -3.98 30.64
CA ASN D 20 -35.20 -3.89 32.10
C ASN D 20 -33.86 -3.39 32.61
N SER D 21 -33.05 -2.76 31.75
CA SER D 21 -31.75 -2.23 32.15
C SER D 21 -31.63 -0.81 31.63
N THR D 22 -31.51 0.15 32.54
CA THR D 22 -31.51 1.57 32.20
C THR D 22 -30.08 2.12 32.27
N ILE D 23 -29.93 3.34 31.79
CA ILE D 23 -28.65 4.05 31.82
C ILE D 23 -28.93 5.48 32.26
N THR D 24 -28.26 5.92 33.32
CA THR D 24 -28.43 7.27 33.86
C THR D 24 -27.10 7.99 33.76
N THR D 25 -27.09 9.15 33.11
CA THR D 25 -25.89 9.96 32.94
C THR D 25 -26.17 11.38 33.39
N GLN D 26 -25.37 11.88 34.33
CA GLN D 26 -25.53 13.25 34.78
C GLN D 26 -24.95 14.23 33.78
N GLU D 27 -23.93 13.81 33.05
CA GLU D 27 -23.26 14.66 32.07
C GLU D 27 -23.32 14.01 30.69
N CYS D 28 -23.95 14.69 29.75
CA CYS D 28 -24.05 14.22 28.38
C CYS D 28 -24.17 15.43 27.48
N ALA D 29 -23.87 15.22 26.19
CA ALA D 29 -23.95 16.32 25.22
C ALA D 29 -25.32 16.34 24.56
N ASN D 30 -25.63 15.29 23.80
CA ASN D 30 -26.90 15.10 23.10
C ASN D 30 -26.85 13.70 22.52
N VAL D 31 -27.98 13.25 21.98
CA VAL D 31 -28.08 11.90 21.42
C VAL D 31 -28.19 12.06 19.90
N VAL D 32 -27.08 11.82 19.21
CA VAL D 32 -27.10 11.83 17.75
C VAL D 32 -27.79 10.57 17.25
N VAL D 33 -28.84 10.75 16.44
CA VAL D 33 -29.60 9.60 15.98
C VAL D 33 -29.34 9.34 14.49
N GLY D 34 -28.34 8.50 14.24
CA GLY D 34 -28.10 7.88 12.94
C GLY D 34 -27.92 8.86 11.80
N TYR D 35 -28.63 8.60 10.72
CA TYR D 35 -28.74 9.52 9.61
C TYR D 35 -30.08 10.24 9.63
N GLY D 36 -30.58 10.53 10.83
CA GLY D 36 -31.83 11.23 10.97
C GLY D 36 -33.06 10.34 10.88
N VAL D 37 -32.98 9.12 11.43
CA VAL D 37 -34.10 8.19 11.40
C VAL D 37 -33.99 7.27 12.62
N TRP D 38 -35.12 7.05 13.28
CA TRP D 38 -35.22 6.13 14.39
C TRP D 38 -35.31 4.69 13.88
N PRO D 39 -34.72 3.73 14.59
CA PRO D 39 -34.84 2.33 14.15
C PRO D 39 -36.25 1.81 14.34
N THR D 40 -36.70 1.01 13.37
CA THR D 40 -38.06 0.48 13.38
C THR D 40 -38.06 -0.88 12.72
N TYR D 41 -39.19 -1.56 12.84
CA TYR D 41 -39.35 -2.89 12.26
C TYR D 41 -39.49 -2.80 10.75
N LEU D 42 -39.43 -3.94 10.09
CA LEU D 42 -39.52 -3.99 8.64
C LEU D 42 -40.97 -3.88 8.21
N SER D 43 -41.23 -3.00 7.25
CA SER D 43 -42.57 -2.83 6.73
C SER D 43 -42.97 -4.00 5.86
N ASP D 44 -44.27 -4.10 5.58
CA ASP D 44 -44.78 -5.20 4.79
C ASP D 44 -44.52 -5.04 3.29
N HIS D 45 -44.09 -3.87 2.84
CA HIS D 45 -43.80 -3.64 1.44
C HIS D 45 -42.31 -3.49 1.15
N GLU D 46 -41.46 -3.80 2.13
CA GLU D 46 -40.02 -3.85 1.91
C GLU D 46 -39.45 -5.24 2.14
N ALA D 47 -40.26 -6.19 2.60
CA ALA D 47 -39.76 -7.51 2.96
C ALA D 47 -39.63 -8.40 1.73
N THR D 48 -38.75 -9.38 1.84
CA THR D 48 -38.57 -10.41 0.82
C THR D 48 -38.87 -11.81 1.32
N ALA D 49 -38.73 -12.08 2.61
CA ALA D 49 -39.08 -13.37 3.17
C ALA D 49 -40.60 -13.54 3.22
N VAL D 50 -41.04 -14.76 3.52
CA VAL D 50 -42.46 -15.06 3.59
C VAL D 50 -42.82 -15.67 4.94
N ASP D 51 -41.82 -16.04 5.71
CA ASP D 51 -42.09 -16.62 7.02
C ASP D 51 -42.44 -15.52 8.02
N GLN D 52 -43.20 -15.90 9.04
CA GLN D 52 -43.56 -14.97 10.09
C GLN D 52 -42.37 -14.75 11.01
N PRO D 53 -41.87 -13.54 11.16
CA PRO D 53 -40.67 -13.31 11.98
C PRO D 53 -40.99 -13.31 13.47
N THR D 54 -39.96 -13.63 14.26
CA THR D 54 -40.09 -13.55 15.70
C THR D 54 -39.60 -12.17 16.17
N GLN D 55 -40.18 -11.71 17.27
CA GLN D 55 -39.94 -10.36 17.77
C GLN D 55 -39.84 -10.35 19.29
N PRO D 56 -38.69 -10.72 19.83
CA PRO D 56 -38.49 -10.62 21.28
C PRO D 56 -38.10 -9.20 21.67
N ASP D 57 -39.01 -8.49 22.34
CA ASP D 57 -38.81 -7.08 22.60
C ASP D 57 -38.12 -6.76 23.92
N VAL D 58 -38.25 -7.62 24.92
CA VAL D 58 -37.60 -7.36 26.22
C VAL D 58 -36.36 -8.24 26.31
N ALA D 59 -36.37 -9.37 25.60
CA ALA D 59 -35.28 -10.33 25.72
C ALA D 59 -34.01 -9.84 25.02
N THR D 60 -34.16 -9.20 23.86
CA THR D 60 -33.00 -8.75 23.08
C THR D 60 -32.74 -7.26 23.23
N CYS D 61 -33.78 -6.42 23.19
CA CYS D 61 -33.60 -4.97 23.19
C CYS D 61 -33.33 -4.47 24.62
N ARG D 62 -32.12 -4.75 25.09
CA ARG D 62 -31.68 -4.31 26.40
C ARG D 62 -30.20 -3.99 26.34
N PHE D 63 -29.71 -3.33 27.38
CA PHE D 63 -28.34 -2.82 27.39
C PHE D 63 -27.37 -3.93 27.81
N TYR D 64 -26.47 -4.30 26.90
CA TYR D 64 -25.42 -5.25 27.19
C TYR D 64 -24.11 -4.49 27.38
N THR D 65 -23.43 -4.74 28.51
CA THR D 65 -22.18 -4.07 28.81
C THR D 65 -21.02 -4.94 28.37
N LEU D 66 -20.15 -4.40 27.51
CA LEU D 66 -19.02 -5.16 26.99
C LEU D 66 -17.87 -5.12 28.00
N GLU D 67 -16.70 -5.57 27.56
CA GLU D 67 -15.54 -5.59 28.43
C GLU D 67 -14.89 -4.21 28.49
N SER D 68 -14.17 -3.96 29.58
CA SER D 68 -13.52 -2.68 29.80
C SER D 68 -12.16 -2.65 29.13
N VAL D 69 -11.77 -1.46 28.67
CA VAL D 69 -10.45 -1.23 28.11
C VAL D 69 -9.75 -0.15 28.92
N LYS D 70 -8.43 -0.07 28.76
CA LYS D 70 -7.61 0.88 29.50
C LYS D 70 -7.12 1.96 28.56
N TRP D 71 -7.37 3.22 28.95
CA TRP D 71 -6.89 4.39 28.20
C TRP D 71 -5.62 4.89 28.88
N GLU D 72 -4.47 4.61 28.28
CA GLU D 72 -3.22 5.15 28.75
C GLU D 72 -2.80 6.32 27.86
N SER D 73 -1.59 6.82 28.09
CA SER D 73 -1.13 7.98 27.32
C SER D 73 -0.74 7.61 25.89
N SER D 74 -0.10 6.46 25.70
CA SER D 74 0.38 6.04 24.40
C SER D 74 -0.55 5.02 23.75
N SER D 75 -1.85 5.13 23.96
CA SER D 75 -2.83 4.24 23.37
C SER D 75 -3.28 4.83 22.04
N ALA D 76 -3.60 3.97 21.08
CA ALA D 76 -3.88 4.45 19.72
C ALA D 76 -5.37 4.47 19.43
N GLY D 77 -6.10 3.46 19.88
CA GLY D 77 -7.52 3.38 19.60
C GLY D 77 -8.00 1.95 19.69
N TRP D 78 -9.31 1.79 19.53
CA TRP D 78 -9.96 0.49 19.61
C TRP D 78 -11.09 0.44 18.58
N TRP D 79 -11.44 -0.78 18.16
CA TRP D 79 -12.60 -0.95 17.30
C TRP D 79 -13.33 -2.25 17.63
N TRP D 80 -14.65 -2.18 17.64
CA TRP D 80 -15.53 -3.34 17.76
C TRP D 80 -16.31 -3.47 16.47
N LYS D 81 -16.55 -4.71 16.04
CA LYS D 81 -17.31 -4.96 14.82
C LYS D 81 -18.63 -5.62 15.17
N PHE D 82 -19.73 -5.01 14.75
CA PHE D 82 -21.06 -5.47 15.06
C PHE D 82 -21.73 -6.07 13.83
N PRO D 83 -22.55 -7.12 13.98
CA PRO D 83 -22.98 -7.82 15.19
C PRO D 83 -22.11 -9.01 15.58
N GLU D 84 -20.79 -8.87 15.51
CA GLU D 84 -19.92 -9.92 16.01
C GLU D 84 -19.58 -9.73 17.49
N ALA D 85 -19.52 -8.48 17.95
CA ALA D 85 -19.17 -8.21 19.34
C ALA D 85 -20.27 -8.56 20.32
N LEU D 86 -21.49 -8.79 19.83
CA LEU D 86 -22.61 -9.21 20.67
C LEU D 86 -23.01 -10.65 20.43
N SER D 87 -22.11 -11.46 19.84
CA SER D 87 -22.46 -12.82 19.45
C SER D 87 -22.52 -13.79 20.61
N ASP D 88 -22.06 -13.41 21.80
CA ASP D 88 -22.08 -14.30 22.94
C ASP D 88 -22.72 -13.65 24.17
N MET D 89 -23.62 -12.72 23.95
CA MET D 89 -24.22 -11.94 25.02
C MET D 89 -25.72 -12.19 25.07
N GLY D 90 -26.16 -13.06 25.98
CA GLY D 90 -27.57 -13.20 26.30
C GLY D 90 -28.36 -13.85 25.18
N LEU D 91 -29.66 -13.54 25.17
CA LEU D 91 -30.56 -14.07 24.15
C LEU D 91 -30.41 -13.39 22.80
N PHE D 92 -29.61 -12.32 22.72
CA PHE D 92 -29.26 -11.77 21.41
C PHE D 92 -28.33 -12.73 20.67
N GLY D 93 -27.33 -13.27 21.37
CA GLY D 93 -26.42 -14.21 20.75
C GLY D 93 -26.91 -15.63 20.66
N GLN D 94 -28.02 -15.95 21.34
CA GLN D 94 -28.60 -17.28 21.22
C GLN D 94 -29.59 -17.35 20.06
N ASN D 95 -30.36 -16.28 19.84
CA ASN D 95 -31.23 -16.23 18.68
C ASN D 95 -30.46 -15.95 17.40
N MET D 96 -29.21 -15.48 17.51
CA MET D 96 -28.38 -15.29 16.34
C MET D 96 -27.94 -16.63 15.75
N GLN D 97 -27.70 -17.63 16.59
CA GLN D 97 -27.26 -18.93 16.11
C GLN D 97 -28.40 -19.74 15.53
N TYR D 98 -29.62 -19.57 16.06
CA TYR D 98 -30.77 -20.36 15.64
C TYR D 98 -31.55 -19.72 14.50
N HIS D 99 -30.91 -18.90 13.68
CA HIS D 99 -31.63 -18.19 12.63
C HIS D 99 -30.73 -18.07 11.40
N TYR D 100 -31.24 -17.38 10.39
CA TYR D 100 -30.53 -17.14 9.13
C TYR D 100 -30.50 -15.65 8.78
N LEU D 101 -31.54 -14.91 9.14
CA LEU D 101 -31.63 -13.50 8.84
C LEU D 101 -31.76 -12.71 10.13
N GLY D 102 -31.23 -11.50 10.15
CA GLY D 102 -31.35 -10.63 11.30
C GLY D 102 -31.44 -9.18 10.92
N ARG D 103 -32.21 -8.39 11.67
CA ARG D 103 -32.41 -6.98 11.38
C ARG D 103 -32.56 -6.22 12.68
N THR D 104 -31.47 -5.63 13.16
CA THR D 104 -31.49 -4.89 14.41
C THR D 104 -30.96 -3.49 14.18
N GLY D 105 -31.41 -2.56 15.03
CA GLY D 105 -30.77 -1.28 15.19
C GLY D 105 -30.10 -1.22 16.56
N TYR D 106 -29.26 -0.22 16.75
CA TYR D 106 -28.43 -0.17 17.95
C TYR D 106 -28.52 1.19 18.64
N THR D 107 -28.11 1.19 19.91
CA THR D 107 -27.97 2.40 20.72
C THR D 107 -26.63 2.30 21.43
N ILE D 108 -25.58 2.80 20.79
CA ILE D 108 -24.22 2.71 21.34
C ILE D 108 -24.03 3.81 22.36
N HIS D 109 -23.60 3.44 23.57
CA HIS D 109 -23.42 4.39 24.67
C HIS D 109 -22.02 4.18 25.27
N VAL D 110 -21.05 4.96 24.81
CA VAL D 110 -19.69 4.90 25.30
C VAL D 110 -19.53 5.93 26.42
N GLN D 111 -18.86 5.54 27.50
CA GLN D 111 -18.74 6.39 28.68
C GLN D 111 -17.35 6.33 29.26
N CYS D 112 -16.85 7.48 29.70
CA CYS D 112 -15.49 7.59 30.23
C CYS D 112 -15.44 8.83 31.13
N ASN D 113 -15.27 8.63 32.44
CA ASN D 113 -15.19 9.72 33.39
C ASN D 113 -13.79 9.76 33.97
N ALA D 114 -13.17 10.95 33.99
CA ALA D 114 -11.85 11.08 34.60
C ALA D 114 -11.87 12.02 35.80
N SER D 115 -12.06 13.32 35.59
CA SER D 115 -11.92 14.37 36.61
C SER D 115 -12.24 15.73 36.00
N LYS D 116 -12.12 16.78 36.80
CA LYS D 116 -11.98 18.13 36.29
C LYS D 116 -10.52 18.55 36.18
N PHE D 117 -9.58 17.63 36.43
CA PHE D 117 -8.15 17.91 36.33
C PHE D 117 -7.47 17.16 35.21
N HIS D 118 -8.12 16.17 34.60
CA HIS D 118 -7.54 15.46 33.47
C HIS D 118 -7.80 16.23 32.18
N GLN D 119 -7.31 15.69 31.07
CA GLN D 119 -7.59 16.25 29.76
C GLN D 119 -7.53 15.14 28.74
N GLY D 120 -8.18 15.36 27.61
CA GLY D 120 -8.21 14.38 26.54
C GLY D 120 -9.47 14.50 25.74
N CYS D 121 -9.48 13.78 24.61
CA CYS D 121 -10.60 13.84 23.69
C CYS D 121 -10.65 12.58 22.85
N LEU D 122 -11.80 11.93 22.82
CA LEU D 122 -12.03 10.76 21.98
C LEU D 122 -12.92 11.14 20.81
N LEU D 123 -13.02 10.22 19.85
CA LEU D 123 -13.96 10.34 18.74
C LEU D 123 -14.72 9.02 18.65
N VAL D 124 -16.00 9.05 18.97
CA VAL D 124 -16.85 7.86 18.97
C VAL D 124 -17.64 7.88 17.68
N VAL D 125 -17.24 7.05 16.71
CA VAL D 125 -17.86 7.03 15.39
C VAL D 125 -18.33 5.61 15.12
N CYS D 126 -19.32 5.50 14.23
CA CYS D 126 -19.87 4.21 13.80
C CYS D 126 -19.87 4.21 12.27
N VAL D 127 -18.93 3.48 11.68
CA VAL D 127 -18.72 3.51 10.23
C VAL D 127 -19.37 2.26 9.62
N PRO D 128 -20.42 2.41 8.79
CA PRO D 128 -21.01 1.24 8.14
C PRO D 128 -20.12 0.72 7.02
N GLU D 129 -20.03 -0.60 6.95
CA GLU D 129 -19.23 -1.36 5.96
C GLU D 129 -17.77 -0.91 5.99
N ALA D 130 -17.14 -1.11 7.14
CA ALA D 130 -15.74 -0.74 7.32
C ALA D 130 -14.87 -1.88 6.80
N GLU D 131 -14.74 -1.95 5.49
CA GLU D 131 -13.90 -2.96 4.86
C GLU D 131 -12.44 -2.59 5.10
N MET D 132 -11.78 -3.35 5.96
CA MET D 132 -10.43 -3.03 6.39
C MET D 132 -9.41 -3.62 5.43
N GLY D 133 -8.36 -2.86 5.16
CA GLY D 133 -7.25 -3.39 4.39
C GLY D 133 -6.39 -4.30 5.21
N ALA D 134 -5.66 -5.17 4.52
CA ALA D 134 -4.84 -6.14 5.21
C ALA D 134 -3.52 -5.52 5.67
N ALA D 135 -2.89 -6.15 6.65
CA ALA D 135 -1.63 -5.66 7.19
C ALA D 135 -0.51 -5.81 6.16
N THR D 136 -0.33 -7.02 5.64
CA THR D 136 0.47 -7.24 4.45
C THR D 136 -0.46 -7.51 3.28
N THR D 137 -0.06 -7.03 2.10
CA THR D 137 -0.87 -7.18 0.91
C THR D 137 -0.68 -8.61 0.38
N ASP D 138 -1.48 -8.98 -0.64
CA ASP D 138 -1.49 -10.28 -1.35
C ASP D 138 -1.56 -11.48 -0.40
N HIS D 139 -2.29 -11.31 0.69
CA HIS D 139 -2.58 -12.43 1.58
C HIS D 139 -3.89 -12.17 2.30
N ALA D 140 -4.83 -13.10 2.17
CA ALA D 140 -6.04 -13.03 2.98
C ALA D 140 -5.71 -13.34 4.43
N PHE D 141 -6.43 -12.70 5.33
CA PHE D 141 -6.08 -12.74 6.74
C PHE D 141 -7.10 -13.53 7.54
N ASN D 142 -6.79 -13.72 8.81
CA ASN D 142 -7.60 -14.51 9.72
C ASN D 142 -8.85 -13.75 10.11
N HIS D 143 -9.94 -14.47 10.35
CA HIS D 143 -11.17 -13.83 10.76
C HIS D 143 -11.19 -13.46 12.23
N THR D 144 -10.23 -13.94 13.02
CA THR D 144 -10.16 -13.60 14.43
C THR D 144 -9.33 -12.36 14.71
N LYS D 145 -8.72 -11.76 13.69
CA LYS D 145 -7.93 -10.56 13.88
C LYS D 145 -8.67 -9.30 13.47
N LEU D 146 -9.84 -9.42 12.85
CA LEU D 146 -10.71 -8.27 12.68
C LEU D 146 -11.48 -7.96 13.95
N SER D 147 -12.17 -8.96 14.48
CA SER D 147 -12.88 -8.83 15.75
C SER D 147 -13.14 -10.22 16.32
N ASN D 148 -13.10 -10.30 17.64
CA ASN D 148 -13.43 -11.52 18.37
C ASN D 148 -14.86 -11.42 18.86
N ILE D 149 -15.23 -12.35 19.74
CA ILE D 149 -16.61 -12.42 20.22
C ILE D 149 -16.90 -11.27 21.18
N GLY D 150 -15.93 -10.88 22.01
CA GLY D 150 -16.14 -9.81 22.95
C GLY D 150 -14.97 -8.85 23.07
N GLN D 151 -13.82 -9.24 22.51
CA GLN D 151 -12.59 -8.50 22.71
C GLN D 151 -12.58 -7.23 21.88
N ALA D 152 -11.92 -6.20 22.39
CA ALA D 152 -11.76 -4.93 21.69
C ALA D 152 -10.41 -4.91 20.97
N MET D 153 -10.45 -5.13 19.67
CA MET D 153 -9.24 -5.10 18.85
C MET D 153 -8.72 -3.67 18.77
N GLU D 154 -7.42 -3.50 18.98
CA GLU D 154 -6.83 -2.19 19.14
C GLU D 154 -6.03 -1.79 17.90
N PHE D 155 -5.91 -0.47 17.72
CA PHE D 155 -5.10 0.10 16.63
C PHE D 155 -3.63 0.13 17.06
N SER D 156 -2.80 0.81 16.28
CA SER D 156 -1.40 0.98 16.62
C SER D 156 -0.95 2.36 16.17
N ALA D 157 0.22 2.78 16.66
CA ALA D 157 0.78 4.07 16.27
C ALA D 157 1.64 3.98 15.03
N LYS D 158 2.28 2.84 14.79
CA LYS D 158 3.15 2.63 13.65
C LYS D 158 2.50 1.67 12.66
N LYS D 159 3.21 1.41 11.57
CA LYS D 159 2.72 0.50 10.54
C LYS D 159 2.77 -0.93 11.05
N SER D 160 1.66 -1.65 10.88
CA SER D 160 1.54 -3.03 11.32
C SER D 160 2.11 -3.94 10.25
N THR D 161 3.28 -4.51 10.52
CA THR D 161 3.90 -5.47 9.60
C THR D 161 3.53 -6.91 9.95
N ASP D 162 2.24 -7.14 10.15
CA ASP D 162 1.74 -8.45 10.51
C ASP D 162 1.62 -9.34 9.28
N GLN D 163 1.06 -10.53 9.45
CA GLN D 163 0.88 -11.49 8.36
C GLN D 163 -0.57 -11.80 8.12
N THR D 164 -1.34 -12.08 9.17
CA THR D 164 -2.75 -12.41 9.02
C THR D 164 -3.61 -11.50 9.88
N GLY D 165 -3.36 -10.19 9.82
CA GLY D 165 -4.16 -9.23 10.52
C GLY D 165 -4.53 -8.06 9.63
N PRO D 166 -5.23 -7.07 10.18
CA PRO D 166 -5.53 -5.86 9.43
C PRO D 166 -4.46 -4.80 9.63
N GLN D 167 -4.57 -3.72 8.87
CA GLN D 167 -3.67 -2.58 9.00
C GLN D 167 -4.19 -1.68 10.10
N THR D 168 -3.36 -1.44 11.11
CA THR D 168 -3.76 -0.70 12.30
C THR D 168 -3.01 0.63 12.41
N ALA D 169 -2.83 1.32 11.30
CA ALA D 169 -2.29 2.67 11.33
C ALA D 169 -3.42 3.62 11.71
N VAL D 170 -3.25 4.33 12.83
CA VAL D 170 -4.34 5.11 13.38
C VAL D 170 -4.63 6.37 12.56
N HIS D 171 -3.65 6.86 11.80
CA HIS D 171 -3.89 7.97 10.88
C HIS D 171 -4.38 7.51 9.52
N ASN D 172 -4.77 6.24 9.39
CA ASN D 172 -5.40 5.73 8.19
C ASN D 172 -6.68 4.94 8.46
N ALA D 173 -7.01 4.71 9.72
CA ALA D 173 -8.25 4.10 10.23
C ALA D 173 -8.53 2.71 9.67
N GLY D 174 -7.55 2.01 9.11
CA GLY D 174 -7.76 0.68 8.60
C GLY D 174 -8.38 0.59 7.21
N MET D 175 -9.06 1.64 6.76
CA MET D 175 -9.73 1.60 5.46
C MET D 175 -9.01 2.42 4.39
N GLY D 176 -7.79 2.87 4.66
CA GLY D 176 -7.04 3.64 3.69
C GLY D 176 -7.44 5.08 3.55
N VAL D 177 -8.39 5.55 4.35
CA VAL D 177 -8.85 6.92 4.29
C VAL D 177 -8.15 7.72 5.37
N ALA D 178 -8.03 9.03 5.18
CA ALA D 178 -7.49 9.87 6.24
C ALA D 178 -8.46 9.91 7.42
N VAL D 179 -7.91 9.86 8.63
CA VAL D 179 -8.73 9.70 9.83
C VAL D 179 -9.49 10.97 10.18
N GLY D 180 -9.12 12.11 9.61
CA GLY D 180 -9.80 13.34 9.91
C GLY D 180 -11.19 13.43 9.33
N ASN D 181 -11.43 12.77 8.20
CA ASN D 181 -12.70 12.87 7.49
C ASN D 181 -13.72 11.84 7.94
N LEU D 182 -13.55 11.25 9.12
CA LEU D 182 -14.51 10.27 9.62
C LEU D 182 -15.77 10.89 10.18
N THR D 183 -15.91 12.22 10.15
CA THR D 183 -17.03 12.89 10.79
C THR D 183 -18.28 12.92 9.92
N ILE D 184 -18.27 12.33 8.72
CA ILE D 184 -19.50 12.21 7.94
C ILE D 184 -20.41 11.18 8.57
N PHE D 185 -19.83 10.07 9.01
CA PHE D 185 -20.54 9.03 9.73
C PHE D 185 -20.98 9.56 11.08
N PRO D 186 -22.08 9.00 11.68
CA PRO D 186 -22.61 9.56 12.93
C PRO D 186 -21.64 9.46 14.10
N HIS D 187 -21.14 10.62 14.53
CA HIS D 187 -20.02 10.70 15.44
C HIS D 187 -20.32 11.62 16.60
N GLN D 188 -19.59 11.42 17.69
CA GLN D 188 -19.63 12.30 18.84
C GLN D 188 -18.28 12.26 19.53
N TRP D 189 -17.91 13.38 20.15
CA TRP D 189 -16.62 13.51 20.81
C TRP D 189 -16.82 13.47 22.31
N ILE D 190 -15.99 12.70 22.99
CA ILE D 190 -15.96 12.69 24.46
C ILE D 190 -14.79 13.59 24.84
N ASN D 191 -15.07 14.87 25.02
CA ASN D 191 -14.08 15.83 25.51
C ASN D 191 -14.20 15.88 27.03
N LEU D 192 -13.12 15.51 27.73
CA LEU D 192 -13.17 15.40 29.18
C LEU D 192 -13.25 16.75 29.89
N ARG D 193 -13.11 17.85 29.15
CA ARG D 193 -13.35 19.17 29.75
C ARG D 193 -14.83 19.37 30.05
N THR D 194 -15.70 19.09 29.08
CA THR D 194 -17.14 19.25 29.26
C THR D 194 -17.88 17.92 29.23
N ASN D 195 -17.71 17.14 28.18
CA ASN D 195 -18.48 15.92 28.00
C ASN D 195 -17.99 14.82 28.94
N ASN D 196 -18.84 13.82 29.14
CA ASN D 196 -18.49 12.61 29.88
C ASN D 196 -18.78 11.34 29.09
N SER D 197 -19.90 11.28 28.39
CA SER D 197 -20.31 10.08 27.69
C SER D 197 -21.00 10.46 26.38
N ALA D 198 -20.69 9.70 25.34
CA ALA D 198 -21.30 9.88 24.03
C ALA D 198 -22.32 8.78 23.78
N THR D 199 -23.46 9.15 23.23
CA THR D 199 -24.52 8.19 22.93
C THR D 199 -25.01 8.38 21.50
N ILE D 200 -25.00 7.30 20.73
CA ILE D 200 -25.41 7.29 19.34
C ILE D 200 -26.53 6.28 19.17
N VAL D 201 -27.55 6.64 18.40
CA VAL D 201 -28.63 5.73 18.03
C VAL D 201 -28.51 5.49 16.54
N MET D 202 -28.01 4.32 16.15
CA MET D 202 -27.79 4.04 14.74
C MET D 202 -28.79 3.01 14.24
N PRO D 203 -29.56 3.31 13.20
CA PRO D 203 -30.56 2.36 12.70
C PRO D 203 -29.91 1.26 11.86
N TYR D 204 -30.75 0.39 11.31
CA TYR D 204 -30.26 -0.70 10.46
C TYR D 204 -29.97 -0.15 9.07
N ILE D 205 -28.70 -0.15 8.69
CA ILE D 205 -28.26 0.40 7.42
C ILE D 205 -27.68 -0.74 6.59
N ASN D 206 -28.36 -1.10 5.51
CA ASN D 206 -27.93 -2.16 4.62
C ASN D 206 -28.64 -2.00 3.29
N SER D 207 -28.08 -2.60 2.25
CA SER D 207 -28.67 -2.57 0.93
C SER D 207 -29.70 -3.66 0.71
N VAL D 208 -29.86 -4.56 1.67
CA VAL D 208 -30.89 -5.60 1.61
C VAL D 208 -31.81 -5.38 2.81
N PRO D 209 -33.05 -5.85 2.75
CA PRO D 209 -33.94 -5.71 3.92
C PRO D 209 -33.47 -6.47 5.14
N MET D 210 -33.07 -7.73 4.99
CA MET D 210 -32.53 -8.52 6.09
C MET D 210 -31.31 -9.27 5.61
N ASP D 211 -30.32 -9.43 6.48
CA ASP D 211 -29.07 -10.07 6.11
C ASP D 211 -28.62 -10.99 7.22
N ASN D 212 -27.76 -11.94 6.87
CA ASN D 212 -27.13 -12.81 7.86
C ASN D 212 -26.20 -12.00 8.75
N MET D 213 -26.00 -12.50 9.96
CA MET D 213 -25.28 -11.75 10.99
C MET D 213 -23.90 -12.30 11.29
N TYR D 214 -23.49 -13.39 10.62
CA TYR D 214 -22.16 -13.94 10.80
C TYR D 214 -21.23 -13.69 9.63
N ARG D 215 -21.76 -13.61 8.41
CA ARG D 215 -20.95 -13.38 7.23
C ARG D 215 -20.84 -11.91 6.88
N HIS D 216 -21.37 -11.01 7.71
CA HIS D 216 -21.45 -9.60 7.36
C HIS D 216 -21.46 -8.78 8.64
N TYR D 217 -20.32 -8.18 8.97
CA TYR D 217 -20.29 -7.16 10.02
C TYR D 217 -20.89 -5.87 9.48
N ASN D 218 -21.98 -5.40 10.10
CA ASN D 218 -22.71 -4.27 9.57
C ASN D 218 -21.92 -2.97 9.68
N PHE D 219 -21.61 -2.56 10.91
CA PHE D 219 -20.76 -1.39 11.07
C PHE D 219 -19.60 -1.68 12.01
N THR D 220 -18.84 -0.66 12.36
CA THR D 220 -17.65 -0.81 13.18
C THR D 220 -17.55 0.40 14.10
N LEU D 221 -17.78 0.20 15.39
CA LEU D 221 -17.66 1.27 16.35
C LEU D 221 -16.19 1.55 16.61
N MET D 222 -15.72 2.74 16.25
CA MET D 222 -14.34 3.14 16.45
C MET D 222 -14.27 4.21 17.52
N VAL D 223 -13.35 4.04 18.47
CA VAL D 223 -13.04 5.04 19.48
C VAL D 223 -11.57 5.37 19.32
N ILE D 224 -11.27 6.61 18.92
CA ILE D 224 -9.92 7.03 18.61
C ILE D 224 -9.57 8.27 19.41
N PRO D 225 -8.56 8.22 20.28
CA PRO D 225 -8.11 9.45 20.97
C PRO D 225 -7.39 10.36 20.00
N PHE D 226 -7.92 11.58 19.84
CA PHE D 226 -7.27 12.59 19.01
C PHE D 226 -6.27 13.39 19.84
N ALA D 227 -6.77 14.05 20.88
CA ALA D 227 -5.91 14.70 21.87
C ALA D 227 -5.60 13.67 22.95
N LYS D 228 -4.32 13.34 23.11
CA LYS D 228 -3.93 12.30 24.05
C LYS D 228 -4.11 12.76 25.49
N LEU D 229 -4.19 11.80 26.39
CA LEU D 229 -4.57 12.06 27.77
C LEU D 229 -3.33 12.38 28.59
N GLU D 230 -3.32 13.57 29.19
CA GLU D 230 -2.26 14.00 30.08
C GLU D 230 -2.85 14.33 31.44
N HIS D 231 -2.07 14.06 32.49
CA HIS D 231 -2.45 14.42 33.84
C HIS D 231 -1.19 14.56 34.67
N SER D 232 -1.37 15.03 35.90
CA SER D 232 -0.27 15.02 36.85
C SER D 232 -0.03 13.58 37.32
N PRO D 233 1.21 13.24 37.68
CA PRO D 233 1.47 11.88 38.20
C PRO D 233 0.82 11.59 39.53
N GLN D 234 0.44 12.61 40.31
CA GLN D 234 -0.24 12.37 41.57
C GLN D 234 -1.70 11.99 41.40
N ALA D 235 -2.30 12.30 40.26
CA ALA D 235 -3.70 11.98 40.02
C ALA D 235 -3.86 10.49 39.72
N SER D 236 -5.13 10.06 39.64
CA SER D 236 -5.43 8.66 39.38
C SER D 236 -5.13 8.34 37.93
N THR D 237 -4.32 7.31 37.71
CA THR D 237 -3.76 7.04 36.39
C THR D 237 -4.57 6.04 35.58
N TYR D 238 -5.56 5.38 36.16
CA TYR D 238 -6.36 4.39 35.47
C TYR D 238 -7.75 4.97 35.21
N VAL D 239 -7.99 5.36 33.96
CA VAL D 239 -9.30 5.83 33.52
C VAL D 239 -9.79 4.89 32.42
N PRO D 240 -10.85 4.13 32.64
CA PRO D 240 -11.28 3.13 31.66
C PRO D 240 -12.31 3.71 30.69
N ILE D 241 -12.59 2.93 29.65
CA ILE D 241 -13.61 3.25 28.67
C ILE D 241 -14.48 2.02 28.53
N THR D 242 -15.72 2.10 29.01
CA THR D 242 -16.64 0.98 28.97
C THR D 242 -17.72 1.27 27.94
N VAL D 243 -18.00 0.30 27.08
CA VAL D 243 -18.98 0.45 26.01
C VAL D 243 -20.17 -0.45 26.32
N THR D 244 -21.33 0.16 26.50
CA THR D 244 -22.58 -0.56 26.67
C THR D 244 -23.44 -0.32 25.43
N VAL D 245 -23.75 -1.38 24.71
CA VAL D 245 -24.51 -1.29 23.47
C VAL D 245 -25.82 -2.06 23.66
N ALA D 246 -26.90 -1.51 23.12
CA ALA D 246 -28.22 -2.10 23.25
C ALA D 246 -28.83 -2.28 21.86
N PRO D 247 -29.26 -3.49 21.51
CA PRO D 247 -30.02 -3.66 20.28
C PRO D 247 -31.38 -2.99 20.36
N MET D 248 -31.94 -2.67 19.20
CA MET D 248 -33.19 -1.93 19.16
C MET D 248 -33.99 -2.39 17.94
N CYS D 249 -35.25 -2.74 18.17
CA CYS D 249 -36.21 -3.19 17.15
C CYS D 249 -35.67 -4.39 16.38
N ALA D 250 -35.34 -5.44 17.13
CA ALA D 250 -34.75 -6.64 16.57
C ALA D 250 -35.83 -7.60 16.12
N GLU D 251 -35.64 -8.19 14.94
CA GLU D 251 -36.51 -9.26 14.49
C GLU D 251 -35.70 -10.23 13.64
N TYR D 252 -36.09 -11.50 13.70
CA TYR D 252 -35.31 -12.59 13.13
C TYR D 252 -36.20 -13.44 12.25
N ASN D 253 -35.59 -14.12 11.28
CA ASN D 253 -36.35 -14.89 10.32
C ASN D 253 -35.53 -16.10 9.91
N GLY D 254 -36.21 -17.11 9.38
CA GLY D 254 -35.54 -18.30 8.93
C GLY D 254 -35.01 -19.16 10.05
N LEU D 255 -35.92 -19.81 10.79
CA LEU D 255 -35.52 -20.71 11.87
C LEU D 255 -34.76 -21.92 11.32
N ARG D 256 -33.90 -22.48 12.17
CA ARG D 256 -32.88 -23.42 11.73
C ARG D 256 -32.32 -24.12 12.96
N LEU D 257 -31.41 -25.06 12.74
CA LEU D 257 -30.65 -25.63 13.84
C LEU D 257 -29.54 -24.68 14.27
N ALA D 258 -28.76 -25.12 15.24
CA ALA D 258 -27.70 -24.28 15.79
C ALA D 258 -26.55 -24.13 14.79
N GLY D 259 -26.07 -22.89 14.63
CA GLY D 259 -24.99 -22.63 13.72
C GLY D 259 -23.63 -23.01 14.30
N HIS D 260 -22.57 -22.40 13.75
CA HIS D 260 -22.62 -21.41 12.68
C HIS D 260 -21.55 -21.70 11.63
N GLN D 261 -21.90 -22.49 10.63
CA GLN D 261 -20.93 -22.88 9.61
C GLN D 261 -21.64 -23.25 8.31
N GLY E 1 -37.14 8.79 -48.76
CA GLY E 1 -37.46 9.12 -47.38
C GLY E 1 -37.33 10.60 -47.10
N LEU E 2 -37.36 10.96 -45.83
CA LEU E 2 -37.21 12.35 -45.42
C LEU E 2 -35.77 12.80 -45.65
N PRO E 3 -35.52 13.87 -46.41
CA PRO E 3 -34.15 14.28 -46.72
C PRO E 3 -33.50 14.98 -45.54
N THR E 4 -32.54 14.31 -44.93
CA THR E 4 -31.77 14.88 -43.84
C THR E 4 -30.39 15.32 -44.34
N MET E 5 -29.59 15.83 -43.41
CA MET E 5 -28.26 16.33 -43.75
C MET E 5 -27.41 16.26 -42.49
N ASN E 6 -26.26 15.59 -42.59
CA ASN E 6 -25.38 15.43 -41.43
C ASN E 6 -24.67 16.74 -41.13
N THR E 7 -24.96 17.33 -39.98
CA THR E 7 -24.29 18.53 -39.54
C THR E 7 -22.87 18.18 -39.06
N PRO E 8 -21.97 19.16 -38.99
CA PRO E 8 -20.71 18.94 -38.29
C PRO E 8 -20.94 18.56 -36.84
N GLY E 9 -20.22 17.54 -36.40
CA GLY E 9 -20.49 16.92 -35.12
C GLY E 9 -21.23 15.61 -35.20
N SER E 10 -21.01 14.82 -36.26
CA SER E 10 -21.68 13.55 -36.45
C SER E 10 -20.68 12.42 -36.34
N THR E 11 -21.18 11.27 -35.88
CA THR E 11 -20.40 10.05 -35.61
C THR E 11 -19.21 10.31 -34.70
N GLN E 12 -19.42 11.16 -33.69
CA GLN E 12 -18.39 11.48 -32.71
C GLN E 12 -18.78 10.91 -31.36
N PHE E 13 -17.82 10.87 -30.47
CA PHE E 13 -18.02 10.40 -29.10
C PHE E 13 -17.66 11.55 -28.17
N LEU E 14 -18.64 12.42 -27.90
CA LEU E 14 -18.45 13.41 -26.85
C LEU E 14 -18.56 12.72 -25.50
N THR E 15 -17.66 13.09 -24.59
CA THR E 15 -17.56 12.38 -23.32
C THR E 15 -18.71 12.73 -22.38
N SER E 16 -19.27 13.93 -22.50
CA SER E 16 -20.29 14.38 -21.58
C SER E 16 -21.62 14.67 -22.26
N ASP E 17 -22.05 13.78 -23.15
CA ASP E 17 -23.31 13.92 -23.85
C ASP E 17 -24.43 13.22 -23.08
N ASP E 18 -25.67 13.59 -23.40
CA ASP E 18 -26.86 12.94 -22.87
C ASP E 18 -27.78 12.58 -24.04
N PHE E 19 -27.51 11.43 -24.66
CA PHE E 19 -28.28 10.92 -25.77
C PHE E 19 -28.98 9.64 -25.35
N GLN E 20 -30.02 9.27 -26.08
CA GLN E 20 -30.67 8.00 -25.82
C GLN E 20 -29.90 6.88 -26.49
N SER E 21 -30.10 5.66 -26.00
CA SER E 21 -29.35 4.51 -26.48
C SER E 21 -30.19 3.26 -26.35
N PRO E 22 -30.07 2.31 -27.29
CA PRO E 22 -30.90 1.10 -27.22
C PRO E 22 -30.45 0.18 -26.11
N SER E 23 -31.43 -0.29 -25.33
CA SER E 23 -31.14 -1.16 -24.19
C SER E 23 -30.77 -2.56 -24.67
N ALA E 24 -29.97 -3.24 -23.87
CA ALA E 24 -29.51 -4.58 -24.24
C ALA E 24 -30.42 -5.67 -23.67
N MET E 25 -30.92 -5.48 -22.46
CA MET E 25 -31.88 -6.41 -21.86
C MET E 25 -33.25 -5.76 -21.84
N PRO E 26 -34.11 -6.00 -22.84
CA PRO E 26 -35.39 -5.32 -22.89
C PRO E 26 -36.40 -5.92 -21.92
N GLN E 27 -37.27 -5.05 -21.40
CA GLN E 27 -38.29 -5.37 -20.40
C GLN E 27 -37.70 -6.03 -19.17
N PHE E 28 -36.55 -5.52 -18.72
CA PHE E 28 -35.94 -6.04 -17.51
C PHE E 28 -36.71 -5.59 -16.28
N ASP E 29 -36.86 -6.49 -15.32
CA ASP E 29 -37.55 -6.21 -14.08
C ASP E 29 -36.50 -5.84 -13.04
N VAL E 30 -36.43 -4.55 -12.69
CA VAL E 30 -35.47 -4.11 -11.69
C VAL E 30 -35.94 -4.51 -10.31
N THR E 31 -35.02 -4.50 -9.39
CA THR E 31 -35.32 -4.85 -8.00
C THR E 31 -35.84 -3.61 -7.29
N PRO E 32 -36.96 -3.70 -6.57
CA PRO E 32 -37.59 -2.49 -6.01
C PRO E 32 -36.76 -1.85 -4.91
N GLU E 33 -36.64 -0.53 -4.98
CA GLU E 33 -35.86 0.22 -4.02
C GLU E 33 -36.57 0.29 -2.67
N ILE E 34 -35.81 0.55 -1.62
CA ILE E 34 -36.32 0.64 -0.27
C ILE E 34 -35.79 1.91 0.39
N GLN E 35 -36.36 2.22 1.54
CA GLN E 35 -35.93 3.36 2.35
C GLN E 35 -34.61 3.01 3.01
N ILE E 36 -33.50 3.36 2.37
CA ILE E 36 -32.16 3.20 2.91
C ILE E 36 -31.72 4.55 3.47
N PRO E 37 -31.34 4.63 4.74
CA PRO E 37 -31.02 5.92 5.34
C PRO E 37 -29.71 6.49 4.81
N GLY E 38 -29.61 7.82 4.88
CA GLY E 38 -28.42 8.50 4.43
C GLY E 38 -28.31 8.71 2.94
N GLN E 39 -29.32 9.27 2.31
CA GLN E 39 -29.26 9.51 0.87
C GLN E 39 -28.64 10.87 0.59
N VAL E 40 -27.78 10.92 -0.42
CA VAL E 40 -27.20 12.17 -0.88
C VAL E 40 -27.77 12.52 -2.25
N ARG E 41 -28.14 13.79 -2.42
CA ARG E 41 -28.60 14.30 -3.70
C ARG E 41 -27.72 15.41 -4.22
N ASN E 42 -26.67 15.77 -3.50
CA ASN E 42 -25.81 16.89 -3.85
C ASN E 42 -24.49 16.70 -3.12
N LEU E 43 -23.39 17.06 -3.78
CA LEU E 43 -22.08 16.90 -3.16
C LEU E 43 -21.81 17.94 -2.08
N MET E 44 -22.56 19.04 -2.08
CA MET E 44 -22.37 20.03 -1.02
C MET E 44 -22.97 19.58 0.31
N GLU E 45 -23.79 18.54 0.32
CA GLU E 45 -24.22 17.97 1.60
C GLU E 45 -23.10 17.21 2.27
N ILE E 46 -22.19 16.64 1.49
CA ILE E 46 -20.99 16.03 2.06
C ILE E 46 -19.98 17.09 2.47
N ALA E 47 -19.89 18.17 1.70
CA ALA E 47 -18.94 19.25 1.96
C ALA E 47 -19.49 20.30 2.92
N GLU E 48 -20.47 19.95 3.75
CA GLU E 48 -21.00 20.87 4.73
C GLU E 48 -20.84 20.35 6.16
N VAL E 49 -20.61 19.07 6.34
CA VAL E 49 -20.28 18.51 7.65
C VAL E 49 -18.80 18.77 7.90
N ASP E 50 -18.45 19.01 9.16
CA ASP E 50 -17.09 19.43 9.49
C ASP E 50 -16.10 18.26 9.38
N SER E 51 -14.82 18.62 9.41
CA SER E 51 -13.73 17.65 9.40
C SER E 51 -12.50 18.34 9.94
N VAL E 52 -11.74 17.62 10.77
CA VAL E 52 -10.57 18.24 11.39
C VAL E 52 -9.44 18.36 10.37
N VAL E 53 -8.56 19.32 10.63
CA VAL E 53 -7.48 19.63 9.68
C VAL E 53 -6.12 19.46 10.32
N PRO E 54 -5.12 18.98 9.58
CA PRO E 54 -3.75 18.86 10.12
C PRO E 54 -2.99 20.18 10.14
N VAL E 55 -3.20 20.95 11.20
CA VAL E 55 -2.52 22.24 11.34
C VAL E 55 -1.06 22.03 11.72
N ASN E 56 -0.74 20.93 12.38
CA ASN E 56 0.60 20.66 12.90
C ASN E 56 1.40 19.80 11.94
N ASN E 57 1.28 20.04 10.64
CA ASN E 57 1.80 19.13 9.62
C ASN E 57 3.28 19.36 9.30
N THR E 58 4.03 19.92 10.24
CA THR E 58 5.47 20.02 10.09
C THR E 58 6.11 18.64 10.13
N GLU E 59 7.16 18.45 9.33
CA GLU E 59 7.80 17.15 9.23
C GLU E 59 8.64 16.86 10.48
N GLY E 60 8.57 15.63 10.97
CA GLY E 60 7.63 14.61 10.51
C GLY E 60 6.48 14.37 11.46
N HIS E 61 5.32 14.95 11.13
CA HIS E 61 4.10 14.69 11.88
C HIS E 61 2.92 14.35 10.98
N VAL E 62 3.12 14.31 9.66
CA VAL E 62 1.99 14.04 8.78
C VAL E 62 1.62 12.56 8.79
N ASN E 63 2.57 11.67 8.95
CA ASN E 63 2.29 10.23 9.05
C ASN E 63 2.21 9.78 10.50
N SER E 64 1.42 10.49 11.30
CA SER E 64 1.22 10.17 12.70
C SER E 64 -0.07 10.84 13.16
N MET E 65 -0.44 10.58 14.40
CA MET E 65 -1.66 11.16 14.96
C MET E 65 -1.46 12.57 15.48
N GLU E 66 -0.21 13.05 15.56
CA GLU E 66 0.07 14.39 16.05
C GLU E 66 0.00 15.46 14.97
N ALA E 67 -0.75 15.21 13.90
CA ALA E 67 -0.90 16.24 12.87
C ALA E 67 -2.01 17.22 13.21
N TYR E 68 -3.02 16.79 13.96
CA TYR E 68 -4.16 17.65 14.27
C TYR E 68 -3.98 18.40 15.58
N ARG E 69 -3.03 18.01 16.41
CA ARG E 69 -2.87 18.59 17.73
C ARG E 69 -2.09 19.90 17.63
N ILE E 70 -2.77 21.02 17.84
CA ILE E 70 -2.12 22.32 17.89
C ILE E 70 -1.57 22.53 19.30
N PRO E 71 -0.28 22.78 19.47
CA PRO E 71 0.27 22.96 20.81
C PRO E 71 -0.08 24.33 21.38
N VAL E 72 -0.70 24.33 22.56
CA VAL E 72 -1.07 25.55 23.25
C VAL E 72 -0.52 25.49 24.67
N ARG E 73 0.26 26.48 25.05
CA ARG E 73 1.05 26.49 26.27
C ARG E 73 0.86 27.79 27.02
N PRO E 74 1.11 27.79 28.34
CA PRO E 74 1.15 29.07 29.06
C PRO E 74 2.31 29.94 28.63
N GLN E 75 2.02 31.08 28.02
CA GLN E 75 3.05 31.93 27.46
C GLN E 75 3.72 32.77 28.54
N THR E 76 4.81 33.42 28.16
CA THR E 76 5.50 34.36 29.03
C THR E 76 5.35 35.81 28.57
N SER E 77 4.82 36.03 27.38
CA SER E 77 4.50 37.37 26.89
C SER E 77 3.32 37.25 25.96
N SER E 78 2.32 38.10 26.14
CA SER E 78 1.10 37.98 25.36
C SER E 78 1.32 38.48 23.94
N GLY E 79 0.46 38.02 23.03
CA GLY E 79 0.52 38.47 21.66
C GLY E 79 1.34 37.61 20.72
N GLU E 80 1.64 36.37 21.10
CA GLU E 80 2.39 35.48 20.22
C GLU E 80 1.44 34.84 19.21
N GLN E 81 2.00 34.00 18.34
CA GLN E 81 1.24 33.36 17.28
C GLN E 81 1.11 31.87 17.56
N VAL E 82 -0.13 31.38 17.53
CA VAL E 82 -0.36 29.96 17.77
C VAL E 82 -0.12 29.15 16.50
N PHE E 83 -0.72 29.57 15.40
CA PHE E 83 -0.46 28.95 14.10
C PHE E 83 -0.80 29.94 13.00
N GLY E 84 -0.75 29.46 11.77
CA GLY E 84 -1.10 30.27 10.62
C GLY E 84 -0.99 29.53 9.31
N PHE E 85 -1.89 29.81 8.37
CA PHE E 85 -1.84 29.19 7.06
C PHE E 85 -2.54 30.11 6.06
N GLN E 86 -2.39 29.78 4.79
CA GLN E 86 -3.08 30.49 3.73
C GLN E 86 -4.42 29.84 3.46
N LEU E 87 -5.37 30.65 2.97
CA LEU E 87 -6.74 30.18 2.78
C LEU E 87 -6.95 29.71 1.35
N GLN E 88 -6.24 28.65 1.00
CA GLN E 88 -6.45 27.98 -0.27
C GLN E 88 -7.04 26.60 -0.01
N PRO E 89 -8.36 26.45 -0.04
CA PRO E 89 -8.95 25.17 0.37
C PRO E 89 -8.88 24.07 -0.68
N GLY E 90 -8.09 24.26 -1.74
CA GLY E 90 -7.79 23.22 -2.70
C GLY E 90 -6.33 23.06 -3.02
N HIS E 91 -5.46 23.94 -2.52
CA HIS E 91 -4.05 23.91 -2.87
C HIS E 91 -3.10 24.02 -1.69
N ASP E 92 -3.55 24.54 -0.54
CA ASP E 92 -2.68 24.62 0.63
C ASP E 92 -2.44 23.22 1.19
N SER E 93 -1.32 23.08 1.89
CA SER E 93 -0.97 21.78 2.44
C SER E 93 -1.86 21.37 3.61
N VAL E 94 -2.60 22.31 4.20
CA VAL E 94 -3.47 22.01 5.32
C VAL E 94 -4.86 21.58 4.87
N LEU E 95 -5.50 22.38 4.01
CA LEU E 95 -6.93 22.25 3.73
C LEU E 95 -7.23 21.56 2.40
N LYS E 96 -6.33 20.69 1.90
CA LYS E 96 -6.59 20.07 0.60
C LYS E 96 -6.85 18.57 0.66
N HIS E 97 -6.38 17.87 1.69
CA HIS E 97 -6.77 16.48 1.88
C HIS E 97 -7.81 16.33 2.97
N THR E 98 -8.38 17.43 3.45
CA THR E 98 -9.56 17.37 4.30
C THR E 98 -10.79 17.07 3.45
N LEU E 99 -11.95 17.02 4.11
CA LEU E 99 -13.18 16.64 3.41
C LEU E 99 -13.63 17.74 2.45
N LEU E 100 -13.51 19.00 2.86
CA LEU E 100 -13.81 20.10 1.96
C LEU E 100 -12.77 20.20 0.85
N GLY E 101 -11.52 19.83 1.14
CA GLY E 101 -10.49 19.90 0.13
C GLY E 101 -10.57 18.79 -0.89
N GLU E 102 -10.91 17.57 -0.43
CA GLU E 102 -10.97 16.42 -1.33
C GLU E 102 -12.22 16.41 -2.20
N ILE E 103 -13.18 17.28 -1.94
CA ILE E 103 -14.30 17.46 -2.84
C ILE E 103 -14.03 18.58 -3.84
N LEU E 104 -13.47 19.69 -3.37
CA LEU E 104 -13.18 20.84 -4.21
C LEU E 104 -12.05 20.57 -5.21
N ASN E 105 -11.24 19.54 -5.01
CA ASN E 105 -10.25 19.20 -6.01
C ASN E 105 -10.85 18.51 -7.22
N TYR E 106 -12.08 17.99 -7.10
CA TYR E 106 -12.77 17.45 -8.25
C TYR E 106 -13.36 18.53 -9.14
N TYR E 107 -13.46 19.76 -8.65
CA TYR E 107 -13.96 20.89 -9.42
C TYR E 107 -12.86 21.91 -9.62
N ALA E 108 -13.16 22.94 -10.41
CA ALA E 108 -12.17 23.96 -10.71
C ALA E 108 -12.44 25.31 -10.05
N ASN E 109 -13.70 25.66 -9.81
CA ASN E 109 -14.03 26.92 -9.18
C ASN E 109 -14.79 26.68 -7.88
N TRP E 110 -14.75 27.68 -7.00
CA TRP E 110 -15.53 27.63 -5.77
C TRP E 110 -15.97 29.03 -5.40
N SER E 111 -16.95 29.09 -4.50
CA SER E 111 -17.50 30.35 -4.02
C SER E 111 -18.16 30.11 -2.68
N GLY E 112 -18.39 31.19 -1.97
CA GLY E 112 -19.10 31.14 -0.70
C GLY E 112 -18.18 31.32 0.49
N SER E 113 -18.74 31.06 1.66
CA SER E 113 -18.07 31.29 2.93
C SER E 113 -17.82 29.96 3.62
N MET E 114 -16.72 29.87 4.36
CA MET E 114 -16.40 28.66 5.11
C MET E 114 -16.60 28.91 6.60
N LYS E 115 -16.36 27.86 7.40
CA LYS E 115 -16.52 27.93 8.85
C LYS E 115 -15.37 27.18 9.48
N LEU E 116 -14.47 27.88 10.15
CA LEU E 116 -13.36 27.27 10.87
C LEU E 116 -13.75 27.17 12.33
N THR E 117 -14.18 25.98 12.74
CA THR E 117 -14.58 25.74 14.12
C THR E 117 -13.38 25.25 14.92
N PHE E 118 -13.09 25.91 16.03
CA PHE E 118 -11.97 25.57 16.89
C PHE E 118 -12.50 25.01 18.20
N MET E 119 -11.98 23.85 18.60
CA MET E 119 -12.47 23.13 19.77
C MET E 119 -11.32 22.91 20.73
N TYR E 120 -11.46 23.41 21.95
CA TYR E 120 -10.43 23.23 22.96
C TYR E 120 -10.45 21.81 23.49
N CYS E 121 -9.28 21.33 23.92
CA CYS E 121 -9.16 19.96 24.41
C CYS E 121 -8.31 19.87 25.68
N GLY E 122 -8.14 20.97 26.40
CA GLY E 122 -7.36 20.96 27.61
C GLY E 122 -8.19 20.56 28.81
N ALA E 123 -7.67 20.88 30.00
CA ALA E 123 -8.34 20.54 31.24
C ALA E 123 -9.55 21.43 31.45
N ALA E 124 -10.42 21.00 32.37
CA ALA E 124 -11.62 21.76 32.66
C ALA E 124 -11.33 23.01 33.48
N MET E 125 -10.19 23.05 34.17
CA MET E 125 -9.85 24.18 35.03
C MET E 125 -8.94 25.20 34.35
N ALA E 126 -8.52 24.94 33.12
CA ALA E 126 -7.67 25.88 32.39
C ALA E 126 -8.54 26.88 31.63
N THR E 127 -8.13 28.14 31.67
CA THR E 127 -8.87 29.24 31.05
C THR E 127 -7.97 29.99 30.07
N GLY E 128 -8.50 31.07 29.51
CA GLY E 128 -7.74 31.89 28.59
C GLY E 128 -8.47 32.17 27.30
N LYS E 129 -8.07 33.21 26.58
CA LYS E 129 -8.74 33.62 25.35
C LYS E 129 -7.78 33.58 24.17
N PHE E 130 -8.34 33.70 22.96
CA PHE E 130 -7.56 33.70 21.74
C PHE E 130 -8.18 34.68 20.74
N LEU E 131 -7.37 35.10 19.78
CA LEU E 131 -7.80 36.02 18.72
C LEU E 131 -7.54 35.34 17.39
N ILE E 132 -8.58 35.15 16.60
CA ILE E 132 -8.50 34.37 15.36
C ILE E 132 -8.80 35.32 14.21
N ALA E 133 -7.74 35.83 13.58
CA ALA E 133 -7.88 36.88 12.58
C ALA E 133 -7.94 36.29 11.17
N TYR E 134 -8.57 37.05 10.27
CA TYR E 134 -8.61 36.72 8.85
C TYR E 134 -8.34 38.00 8.09
N SER E 135 -7.21 38.07 7.40
CA SER E 135 -6.82 39.27 6.68
C SER E 135 -6.94 39.03 5.18
N PRO E 136 -7.79 39.77 4.47
CA PRO E 136 -7.83 39.70 3.01
C PRO E 136 -6.53 40.19 2.42
N PRO E 137 -6.13 39.69 1.23
CA PRO E 137 -4.76 39.91 0.75
C PRO E 137 -4.52 41.31 0.19
N GLY E 138 -4.64 42.31 1.05
CA GLY E 138 -4.25 43.66 0.65
C GLY E 138 -2.76 43.90 0.81
N ALA E 139 -2.26 43.77 2.04
CA ALA E 139 -0.86 44.03 2.34
C ALA E 139 -0.14 42.82 2.92
N GLY E 140 -0.46 41.62 2.46
CA GLY E 140 0.26 40.45 2.90
C GLY E 140 -0.25 39.90 4.22
N VAL E 141 0.43 38.87 4.68
CA VAL E 141 0.10 38.23 5.96
C VAL E 141 0.51 39.16 7.10
N PRO E 142 -0.32 39.32 8.14
CA PRO E 142 0.05 40.21 9.24
C PRO E 142 1.19 39.66 10.08
N GLY E 143 1.90 40.58 10.73
CA GLY E 143 3.08 40.23 11.49
C GLY E 143 2.81 39.94 12.96
N SER E 144 2.11 40.84 13.64
CA SER E 144 1.84 40.72 15.06
C SER E 144 0.34 40.78 15.30
N ARG E 145 -0.04 40.71 16.58
CA ARG E 145 -1.45 40.72 16.94
C ARG E 145 -2.08 42.09 16.71
N ARG E 146 -1.29 43.15 16.84
CA ARG E 146 -1.79 44.49 16.53
C ARG E 146 -2.05 44.65 15.05
N ASP E 147 -1.16 44.12 14.22
CA ASP E 147 -1.33 44.18 12.77
C ASP E 147 -2.40 43.24 12.25
N ALA E 148 -2.87 42.30 13.06
CA ALA E 148 -3.92 41.38 12.64
C ALA E 148 -5.29 41.72 13.24
N MET E 149 -5.34 42.58 14.26
CA MET E 149 -6.61 42.99 14.83
C MET E 149 -7.38 43.94 13.92
N LEU E 150 -6.74 44.49 12.89
CA LEU E 150 -7.44 45.35 11.94
C LEU E 150 -8.33 44.54 11.01
N GLY E 151 -7.93 43.31 10.69
CA GLY E 151 -8.72 42.45 9.84
C GLY E 151 -9.92 41.86 10.55
N THR E 152 -10.59 40.96 9.85
CA THR E 152 -11.76 40.28 10.42
C THR E 152 -11.30 39.28 11.47
N HIS E 153 -11.79 39.44 12.69
CA HIS E 153 -11.31 38.62 13.80
C HIS E 153 -12.43 38.44 14.81
N VAL E 154 -12.34 37.36 15.58
CA VAL E 154 -13.24 37.06 16.68
C VAL E 154 -12.39 36.75 17.90
N ILE E 155 -12.86 37.14 19.08
CA ILE E 155 -12.11 36.91 20.31
C ILE E 155 -12.79 35.80 21.09
N TRP E 156 -12.32 34.58 20.90
CA TRP E 156 -12.94 33.40 21.48
C TRP E 156 -12.50 33.27 22.94
N ASP E 157 -13.48 33.16 23.84
CA ASP E 157 -13.23 33.02 25.26
C ASP E 157 -13.52 31.57 25.63
N VAL E 158 -12.49 30.85 26.06
CA VAL E 158 -12.67 29.46 26.46
C VAL E 158 -13.35 29.42 27.82
N GLY E 159 -14.48 28.72 27.90
CA GLY E 159 -15.23 28.66 29.13
C GLY E 159 -16.00 27.36 29.30
N LEU E 160 -17.27 27.46 29.70
CA LEU E 160 -18.10 26.27 29.83
C LEU E 160 -18.44 25.69 28.46
N GLN E 161 -18.86 26.55 27.53
CA GLN E 161 -18.90 26.15 26.14
C GLN E 161 -17.48 25.97 25.64
N SER E 162 -17.26 24.89 24.88
CA SER E 162 -15.91 24.44 24.58
C SER E 162 -15.38 24.88 23.22
N SER E 163 -16.19 25.54 22.39
CA SER E 163 -15.79 25.71 21.01
C SER E 163 -16.47 26.91 20.39
N CYS E 164 -15.70 27.67 19.60
CA CYS E 164 -16.19 28.83 18.86
C CYS E 164 -16.02 28.59 17.37
N VAL E 165 -16.70 29.42 16.58
CA VAL E 165 -16.70 29.32 15.13
C VAL E 165 -16.30 30.66 14.55
N LEU E 166 -15.12 30.72 13.93
CA LEU E 166 -14.77 31.83 13.08
C LEU E 166 -15.33 31.57 11.70
N CYS E 167 -16.23 32.43 11.25
CA CYS E 167 -16.83 32.31 9.93
C CYS E 167 -16.19 33.31 9.00
N VAL E 168 -15.34 32.83 8.09
CA VAL E 168 -14.63 33.68 7.14
C VAL E 168 -15.65 34.21 6.14
N PRO E 169 -15.58 35.47 5.74
CA PRO E 169 -16.56 36.00 4.79
C PRO E 169 -16.19 35.68 3.36
N TRP E 170 -16.98 36.18 2.42
CA TRP E 170 -16.70 36.05 1.00
C TRP E 170 -16.39 37.46 0.49
N ILE E 171 -15.12 37.80 0.47
CA ILE E 171 -14.65 39.10 0.00
C ILE E 171 -13.78 38.84 -1.21
N SER E 172 -14.33 39.09 -2.40
CA SER E 172 -13.61 38.84 -3.64
C SER E 172 -14.22 39.68 -4.75
N GLN E 173 -13.38 40.10 -5.68
CA GLN E 173 -13.86 40.81 -6.85
C GLN E 173 -14.41 39.89 -7.92
N THR E 174 -14.14 38.58 -7.83
CA THR E 174 -14.66 37.60 -8.76
C THR E 174 -15.74 36.77 -8.08
N ASN E 175 -16.72 36.34 -8.88
CA ASN E 175 -17.78 35.49 -8.34
C ASN E 175 -17.32 34.07 -8.08
N TYR E 176 -16.17 33.67 -8.60
CA TYR E 176 -15.63 32.33 -8.39
C TYR E 176 -14.12 32.42 -8.34
N ARG E 177 -13.51 31.56 -7.52
CA ARG E 177 -12.07 31.51 -7.36
C ARG E 177 -11.58 30.12 -7.73
N TYR E 178 -10.39 30.05 -8.34
CA TYR E 178 -9.84 28.77 -8.75
C TYR E 178 -9.28 28.02 -7.54
N VAL E 179 -9.30 26.69 -7.62
CA VAL E 179 -8.77 25.88 -6.53
C VAL E 179 -7.24 25.89 -6.54
N THR E 180 -6.62 25.55 -7.68
CA THR E 180 -5.18 25.72 -7.86
C THR E 180 -4.95 27.20 -8.17
N SER E 181 -4.93 27.99 -7.11
CA SER E 181 -5.11 29.43 -7.23
C SER E 181 -3.84 30.12 -7.70
N ASP E 182 -4.02 31.06 -8.63
CA ASP E 182 -2.97 31.95 -9.08
C ASP E 182 -3.06 33.27 -8.31
N ALA E 183 -2.27 34.24 -8.74
CA ALA E 183 -2.20 35.51 -8.02
C ALA E 183 -3.40 36.41 -8.28
N TYR E 184 -4.23 36.10 -9.28
CA TYR E 184 -5.38 36.94 -9.58
C TYR E 184 -6.53 36.71 -8.60
N THR E 185 -6.64 35.50 -8.05
CA THR E 185 -7.74 35.16 -7.17
C THR E 185 -7.22 34.71 -5.81
N ASP E 186 -6.33 35.51 -5.22
CA ASP E 186 -5.86 35.25 -3.87
C ASP E 186 -7.01 35.44 -2.89
N ALA E 187 -6.97 34.68 -1.78
CA ALA E 187 -8.13 34.65 -0.89
C ALA E 187 -7.83 35.34 0.44
N GLY E 188 -6.66 35.10 1.02
CA GLY E 188 -6.31 35.71 2.27
C GLY E 188 -5.54 34.76 3.15
N TYR E 189 -5.30 35.19 4.39
CA TYR E 189 -4.46 34.47 5.32
C TYR E 189 -5.16 34.35 6.67
N ILE E 190 -5.06 33.19 7.28
CA ILE E 190 -5.69 32.89 8.57
C ILE E 190 -4.58 32.80 9.62
N THR E 191 -4.68 33.62 10.66
CA THR E 191 -3.77 33.54 11.79
C THR E 191 -4.58 33.32 13.06
N CYS E 192 -3.87 33.04 14.15
CA CYS E 192 -4.51 32.81 15.44
C CYS E 192 -3.51 33.13 16.53
N TRP E 193 -3.89 34.02 17.45
CA TRP E 193 -2.96 34.63 18.38
C TRP E 193 -3.41 34.42 19.81
N TYR E 194 -2.46 34.51 20.73
CA TYR E 194 -2.76 34.48 22.15
C TYR E 194 -3.36 35.81 22.56
N GLN E 195 -4.58 35.80 23.07
CA GLN E 195 -5.19 37.05 23.50
C GLN E 195 -4.59 37.53 24.80
N THR E 196 -4.73 36.77 25.88
CA THR E 196 -4.06 37.12 27.13
C THR E 196 -2.99 36.10 27.52
N SER E 197 -3.39 34.86 27.81
CA SER E 197 -2.51 33.76 28.23
C SER E 197 -3.33 32.49 28.39
N ILE E 198 -2.68 31.41 28.79
CA ILE E 198 -3.34 30.24 29.38
C ILE E 198 -2.87 30.13 30.81
N VAL E 199 -3.77 30.36 31.76
CA VAL E 199 -3.45 30.24 33.18
C VAL E 199 -4.10 28.97 33.71
N THR E 200 -3.46 28.35 34.69
CA THR E 200 -3.88 27.07 35.25
C THR E 200 -3.72 27.06 36.75
N PRO E 201 -4.52 26.27 37.45
CA PRO E 201 -4.19 25.89 38.83
C PRO E 201 -3.05 24.87 38.83
N PRO E 202 -2.42 24.61 39.97
CA PRO E 202 -1.30 23.65 40.00
C PRO E 202 -1.74 22.23 39.72
N ASP E 203 -0.73 21.40 39.43
CA ASP E 203 -0.88 19.98 39.05
C ASP E 203 -1.75 19.81 37.81
N ILE E 204 -1.48 20.64 36.79
CA ILE E 204 -2.03 20.48 35.45
C ILE E 204 -0.87 20.55 34.48
N PRO E 205 -0.79 19.64 33.50
CA PRO E 205 0.31 19.70 32.53
C PRO E 205 0.25 20.94 31.66
N THR E 206 1.41 21.28 31.09
CA THR E 206 1.54 22.53 30.37
C THR E 206 0.89 22.46 28.99
N THR E 207 1.11 21.37 28.26
CA THR E 207 0.67 21.28 26.88
C THR E 207 -0.82 21.00 26.80
N SER E 208 -1.54 21.83 26.05
CA SER E 208 -2.95 21.63 25.74
C SER E 208 -3.10 21.35 24.25
N THR E 209 -4.34 21.27 23.80
CA THR E 209 -4.65 20.90 22.42
C THR E 209 -5.86 21.69 21.94
N ILE E 210 -5.80 22.18 20.71
CA ILE E 210 -6.93 22.83 20.04
C ILE E 210 -7.13 22.15 18.70
N LEU E 211 -8.32 21.60 18.47
CA LEU E 211 -8.66 20.96 17.21
C LEU E 211 -9.42 21.94 16.34
N CYS E 212 -8.93 22.16 15.12
CA CYS E 212 -9.57 23.05 14.16
C CYS E 212 -10.40 22.23 13.18
N PHE E 213 -11.56 22.77 12.82
CA PHE E 213 -12.49 22.14 11.88
C PHE E 213 -12.62 23.01 10.65
N VAL E 214 -13.22 22.48 9.60
CA VAL E 214 -13.52 23.27 8.40
C VAL E 214 -14.84 22.78 7.83
N SER E 215 -15.62 23.69 7.29
CA SER E 215 -16.92 23.36 6.71
C SER E 215 -17.27 24.41 5.67
N ALA E 216 -18.51 24.42 5.23
CA ALA E 216 -19.02 25.41 4.31
C ALA E 216 -20.36 25.90 4.80
N CYS E 217 -20.67 27.16 4.50
CA CYS E 217 -21.95 27.72 4.90
C CYS E 217 -23.02 27.35 3.88
N ASN E 218 -24.19 27.97 3.98
CA ASN E 218 -25.33 27.63 3.14
C ASN E 218 -25.28 28.31 1.78
N ASP E 219 -24.17 28.89 1.38
CA ASP E 219 -24.04 29.53 0.07
C ASP E 219 -22.75 29.14 -0.61
N PHE E 220 -22.33 27.90 -0.44
CA PHE E 220 -21.16 27.38 -1.12
C PHE E 220 -21.55 26.76 -2.45
N SER E 221 -20.66 26.88 -3.44
CA SER E 221 -20.92 26.34 -4.77
C SER E 221 -19.61 25.93 -5.41
N VAL E 222 -19.70 25.06 -6.42
CA VAL E 222 -18.58 24.66 -7.26
C VAL E 222 -19.04 24.70 -8.71
N ARG E 223 -18.07 24.57 -9.62
CA ARG E 223 -18.31 24.69 -11.04
C ARG E 223 -17.14 24.04 -11.76
N LEU E 224 -17.35 23.70 -13.04
CA LEU E 224 -16.31 23.24 -13.97
C LEU E 224 -15.62 21.97 -13.49
N LEU E 225 -16.39 20.87 -13.56
CA LEU E 225 -15.95 19.57 -13.08
C LEU E 225 -14.71 19.09 -13.84
N ARG E 226 -13.82 18.42 -13.10
CA ARG E 226 -12.59 17.87 -13.65
C ARG E 226 -12.29 16.57 -12.92
N ASP E 227 -11.11 16.00 -13.18
CA ASP E 227 -10.62 14.87 -12.41
C ASP E 227 -9.54 15.33 -11.44
N THR E 228 -9.47 14.66 -10.30
CA THR E 228 -8.65 15.15 -9.21
C THR E 228 -7.17 14.84 -9.45
N PRO E 229 -6.25 15.75 -9.07
CA PRO E 229 -4.82 15.47 -9.12
C PRO E 229 -4.28 14.86 -7.84
N PHE E 230 -4.97 13.83 -7.34
CA PHE E 230 -4.61 13.20 -6.07
C PHE E 230 -4.27 11.73 -6.19
N ILE E 231 -4.85 11.02 -7.15
CA ILE E 231 -4.56 9.60 -7.37
C ILE E 231 -3.93 9.43 -8.74
N THR E 232 -2.83 8.68 -8.80
CA THR E 232 -2.15 8.36 -10.03
C THR E 232 -2.06 6.84 -10.18
N GLN E 233 -1.85 6.39 -11.40
CA GLN E 233 -1.63 4.98 -11.68
C GLN E 233 -0.84 4.86 -12.97
N GLN E 234 -0.10 3.75 -13.09
CA GLN E 234 0.69 3.48 -14.28
C GLN E 234 -0.02 2.50 -15.21
N ALA E 235 -0.41 1.34 -14.70
CA ALA E 235 -1.15 0.34 -15.45
C ALA E 235 -2.45 0.02 -14.72
N LEU E 236 -3.22 -0.90 -15.30
CA LEU E 236 -4.46 -1.32 -14.66
C LEU E 236 -4.17 -2.16 -13.43
N PHE E 237 -4.97 -1.98 -12.40
CA PHE E 237 -4.87 -2.82 -11.21
C PHE E 237 -5.38 -4.21 -11.52
N GLN E 238 -4.58 -5.23 -11.21
CA GLN E 238 -4.97 -6.60 -11.49
C GLN E 238 -4.75 -7.49 -10.27
N GLY F 2 -46.79 12.87 -27.26
CA GLY F 2 -45.84 12.24 -26.36
C GLY F 2 -44.64 13.12 -26.05
N ALA F 3 -44.62 14.31 -26.65
CA ALA F 3 -43.51 15.23 -26.46
C ALA F 3 -43.62 15.92 -25.11
N GLN F 4 -42.47 16.17 -24.48
CA GLN F 4 -42.40 16.83 -23.19
C GLN F 4 -41.51 18.06 -23.32
N VAL F 5 -42.04 19.22 -22.98
CA VAL F 5 -41.35 20.49 -23.10
C VAL F 5 -40.94 20.96 -21.73
N SER F 6 -39.65 21.25 -21.56
CA SER F 6 -39.11 21.70 -20.28
C SER F 6 -38.17 22.87 -20.52
N THR F 7 -37.84 23.56 -19.43
CA THR F 7 -36.98 24.73 -19.53
C THR F 7 -35.53 24.31 -19.71
N GLN F 8 -34.71 25.28 -20.11
CA GLN F 8 -33.29 25.07 -20.35
C GLN F 8 -32.46 25.72 -19.24
N LYS F 9 -31.27 25.19 -19.04
CA LYS F 9 -30.34 25.74 -18.06
C LYS F 9 -29.78 27.05 -18.60
N THR F 10 -30.32 28.16 -18.12
CA THR F 10 -29.95 29.49 -18.59
C THR F 10 -29.19 30.23 -17.50
N GLY F 11 -28.77 31.44 -17.82
CA GLY F 11 -27.99 32.26 -16.90
C GLY F 11 -28.83 32.93 -15.85
N ALA F 12 -28.40 34.12 -15.44
CA ALA F 12 -29.11 34.88 -14.43
C ALA F 12 -28.92 36.36 -14.70
N HIS F 13 -29.99 37.13 -14.44
CA HIS F 13 -29.98 38.55 -14.73
C HIS F 13 -30.12 39.38 -13.45
N ILE F 24 -38.29 29.84 -26.55
CA ILE F 24 -37.00 30.43 -26.86
C ILE F 24 -35.94 29.84 -25.91
N ILE F 25 -36.36 29.47 -24.70
CA ILE F 25 -35.47 28.83 -23.74
C ILE F 25 -36.05 27.47 -23.34
N HIS F 26 -36.74 26.83 -24.27
CA HIS F 26 -37.30 25.50 -24.05
C HIS F 26 -36.53 24.47 -24.86
N TYR F 27 -36.82 23.21 -24.58
CA TYR F 27 -36.28 22.10 -25.37
C TYR F 27 -37.27 20.94 -25.30
N THR F 28 -37.43 20.25 -26.42
CA THR F 28 -38.44 19.21 -26.57
C THR F 28 -37.77 17.87 -26.78
N ASN F 29 -37.90 16.97 -25.81
CA ASN F 29 -37.36 15.62 -25.91
C ASN F 29 -38.51 14.65 -26.09
N ILE F 30 -38.25 13.56 -26.79
CA ILE F 30 -39.23 12.52 -27.06
C ILE F 30 -38.55 11.19 -26.79
N ASN F 31 -39.11 10.40 -25.88
CA ASN F 31 -38.53 9.10 -25.56
C ASN F 31 -38.86 8.10 -26.66
N TYR F 32 -37.82 7.51 -27.25
CA TYR F 32 -37.98 6.62 -28.39
C TYR F 32 -38.10 5.16 -27.98
N TYR F 33 -37.34 4.73 -26.99
CA TYR F 33 -37.21 3.32 -26.66
C TYR F 33 -38.17 2.93 -25.55
N LYS F 34 -38.48 1.63 -25.51
CA LYS F 34 -39.52 1.09 -24.64
C LYS F 34 -38.99 0.64 -23.28
N ASP F 35 -37.86 1.18 -22.83
CA ASP F 35 -37.31 0.84 -21.54
C ASP F 35 -37.08 2.10 -20.71
N SER F 36 -37.30 1.99 -19.41
CA SER F 36 -37.02 3.11 -18.52
C SER F 36 -35.53 3.34 -18.34
N ALA F 37 -34.72 2.29 -18.52
CA ALA F 37 -33.28 2.44 -18.40
C ALA F 37 -32.63 2.93 -19.68
N SER F 38 -33.41 3.09 -20.75
CA SER F 38 -32.83 3.53 -22.01
C SER F 38 -33.08 5.01 -22.26
N ASN F 39 -33.69 5.70 -21.29
CA ASN F 39 -33.92 7.12 -21.44
C ASN F 39 -32.64 7.91 -21.18
N SER F 40 -32.70 9.20 -21.47
CA SER F 40 -31.53 10.05 -21.27
C SER F 40 -31.41 10.45 -19.80
N LEU F 41 -30.37 11.24 -19.51
CA LEU F 41 -30.14 11.66 -18.14
C LEU F 41 -31.09 12.80 -17.78
N ASN F 42 -31.58 12.78 -16.54
CA ASN F 42 -32.32 13.90 -15.97
C ASN F 42 -31.37 14.68 -15.08
N ARG F 43 -30.71 15.69 -15.66
CA ARG F 43 -29.66 16.44 -14.99
C ARG F 43 -30.19 17.62 -14.19
N GLN F 44 -31.51 17.73 -14.06
CA GLN F 44 -32.14 18.93 -13.50
C GLN F 44 -32.90 18.63 -12.23
N ASP F 45 -32.32 17.81 -11.36
CA ASP F 45 -32.88 17.53 -10.04
C ASP F 45 -31.89 18.09 -9.01
N PHE F 46 -32.04 19.37 -8.69
CA PHE F 46 -31.11 20.06 -7.81
C PHE F 46 -31.58 20.07 -6.36
N THR F 47 -32.59 19.28 -6.01
CA THR F 47 -33.12 19.29 -4.66
C THR F 47 -32.14 18.64 -3.68
N GLN F 48 -32.23 19.06 -2.42
CA GLN F 48 -31.26 18.64 -1.42
C GLN F 48 -31.85 18.84 -0.04
N ASP F 49 -31.27 18.14 0.93
CA ASP F 49 -31.58 18.29 2.35
C ASP F 49 -30.41 17.84 3.20
N PRO F 50 -29.56 18.77 3.66
CA PRO F 50 -28.38 18.39 4.44
C PRO F 50 -28.63 18.16 5.91
N SER F 51 -29.88 18.09 6.36
CA SER F 51 -30.17 17.95 7.78
C SER F 51 -29.90 16.56 8.32
N LYS F 52 -29.57 15.59 7.48
CA LYS F 52 -29.22 14.26 7.95
C LYS F 52 -27.75 14.12 8.29
N PHE F 53 -26.91 15.07 7.87
CA PHE F 53 -25.49 15.03 8.16
C PHE F 53 -25.01 16.20 9.02
N THR F 54 -25.57 17.40 8.83
CA THR F 54 -25.13 18.53 9.63
C THR F 54 -25.77 18.54 11.00
N GLU F 55 -27.08 18.31 11.10
CA GLU F 55 -27.80 18.31 12.38
C GLU F 55 -28.52 16.98 12.59
N PRO F 56 -27.79 15.88 12.87
CA PRO F 56 -28.43 14.59 13.11
C PRO F 56 -28.76 14.34 14.57
N VAL F 57 -29.33 15.34 15.24
CA VAL F 57 -29.54 15.28 16.68
C VAL F 57 -31.00 15.00 16.99
N LYS F 58 -31.24 14.56 18.23
CA LYS F 58 -32.59 14.31 18.71
C LYS F 58 -33.22 15.56 19.33
N ASP F 59 -32.46 16.25 20.18
CA ASP F 59 -32.88 17.54 20.70
C ASP F 59 -32.31 18.64 19.83
N VAL F 60 -33.18 19.52 19.33
CA VAL F 60 -32.78 20.52 18.36
C VAL F 60 -31.93 21.60 19.03
N MET F 61 -30.90 22.06 18.32
CA MET F 61 -29.98 23.08 18.80
C MET F 61 -30.15 24.33 17.96
N ILE F 62 -30.54 25.43 18.60
CA ILE F 62 -30.73 26.71 17.94
C ILE F 62 -29.44 27.50 18.10
N LYS F 63 -29.09 28.29 17.08
CA LYS F 63 -27.79 28.98 17.08
C LYS F 63 -27.72 30.04 18.16
N THR F 64 -28.80 30.80 18.37
CA THR F 64 -28.77 31.88 19.34
C THR F 64 -28.78 31.34 20.76
N LEU F 65 -29.34 30.16 20.97
CA LEU F 65 -29.33 29.54 22.28
C LEU F 65 -27.94 28.96 22.59
N PRO F 66 -27.57 28.86 23.86
CA PRO F 66 -26.34 28.15 24.21
C PRO F 66 -26.45 26.65 23.95
N ALA F 67 -25.31 25.97 23.85
CA ALA F 67 -25.32 24.56 23.49
C ALA F 67 -25.28 23.62 24.70
N LEU F 68 -24.71 24.04 25.81
CA LEU F 68 -24.63 23.19 26.99
C LEU F 68 -24.98 23.96 28.25
#